data_6WEA
#
_entry.id   6WEA
#
_cell.length_a   82.936
_cell.length_b   42.641
_cell.length_c   119.869
_cell.angle_alpha   90.000
_cell.angle_beta   101.791
_cell.angle_gamma   90.000
#
_symmetry.space_group_name_H-M   'P 1 21 1'
#
loop_
_entity.id
_entity.type
_entity.pdbx_description
1 polymer 'YTH domain-containing protein 1'
2 polymer "DNA (5'-D(*CP*GP*CP*GP*GP*(6MA)P*CP*TP*TP*C)-3')"
3 non-polymer 1,2-ETHANEDIOL
4 non-polymer 'SULFATE ION'
5 non-polymer 'SODIUM ION'
6 water water
#
loop_
_entity_poly.entity_id
_entity_poly.type
_entity_poly.pdbx_seq_one_letter_code
_entity_poly.pdbx_strand_id
1 'polypeptide(L)'
;GTSKLKYVLQDARFFLIKSNNHENVSLAKAKGVWSTLPVNEKKLNLAFRSARSVILIFSVRESGKFQGFARLSSESHHGG
SPIHWVLPAGMSAKMLGGVFKIDWICRRELPFTKSAHLTNPWNEHKPVKIGRDGQEIELECGTQLCLLFPPDESIDLYQV
IHKMRH
;
A,B,C,D
2 'polydeoxyribonucleotide' (DC)(DG)(DC)(DG)(DG)(6MA)(DC)(DT)(DT)(DC) E,F,G,H
#
loop_
_chem_comp.id
_chem_comp.type
_chem_comp.name
_chem_comp.formula
6MA DNA linking N6-METHYL-DEOXY-ADENOSINE-5'-MONOPHOSPHATE 'C11 H16 N5 O6 P'
DC DNA linking 2'-DEOXYCYTIDINE-5'-MONOPHOSPHATE 'C9 H14 N3 O7 P'
DG DNA linking 2'-DEOXYGUANOSINE-5'-MONOPHOSPHATE 'C10 H14 N5 O7 P'
DT DNA linking THYMIDINE-5'-MONOPHOSPHATE 'C10 H15 N2 O8 P'
EDO non-polymer 1,2-ETHANEDIOL 'C2 H6 O2'
NA non-polymer 'SODIUM ION' 'Na 1'
SO4 non-polymer 'SULFATE ION' 'O4 S -2'
#
# COMPACT_ATOMS: atom_id res chain seq x y z
N THR A 2 -38.06 10.77 3.63
CA THR A 2 -36.91 11.60 3.26
C THR A 2 -36.42 12.42 4.44
N SER A 3 -36.89 12.08 5.65
CA SER A 3 -36.55 12.86 6.83
C SER A 3 -35.06 12.82 7.12
N LYS A 4 -34.47 11.62 7.12
CA LYS A 4 -33.03 11.50 7.37
C LYS A 4 -32.24 12.26 6.32
N LEU A 5 -32.58 12.09 5.04
CA LEU A 5 -31.88 12.78 3.98
C LEU A 5 -32.04 14.29 4.09
N LYS A 6 -33.27 14.75 4.38
CA LYS A 6 -33.48 16.18 4.51
C LYS A 6 -32.71 16.75 5.71
N TYR A 7 -32.54 15.96 6.77
CA TYR A 7 -31.72 16.40 7.88
C TYR A 7 -30.25 16.50 7.48
N VAL A 8 -29.76 15.53 6.71
CA VAL A 8 -28.37 15.57 6.25
C VAL A 8 -28.14 16.75 5.30
N LEU A 9 -29.16 17.15 4.55
CA LEU A 9 -29.02 18.22 3.58
C LEU A 9 -29.25 19.61 4.15
N GLN A 10 -29.71 19.71 5.39
CA GLN A 10 -30.07 21.01 5.97
C GLN A 10 -28.86 21.93 6.06
N ASP A 11 -29.01 23.14 5.52
CA ASP A 11 -27.96 24.17 5.55
C ASP A 11 -26.66 23.69 4.91
N ALA A 12 -26.76 22.73 3.99
CA ALA A 12 -25.55 22.21 3.36
C ALA A 12 -25.09 23.13 2.24
N ARG A 13 -23.81 23.02 1.92
CA ARG A 13 -23.26 23.54 0.68
C ARG A 13 -22.97 22.37 -0.25
N PHE A 14 -23.20 22.59 -1.55
CA PHE A 14 -23.17 21.53 -2.54
C PHE A 14 -22.12 21.82 -3.59
N PHE A 15 -21.31 20.81 -3.93
CA PHE A 15 -20.28 20.97 -4.95
C PHE A 15 -20.35 19.83 -5.95
N LEU A 16 -20.38 20.18 -7.24
CA LEU A 16 -20.23 19.20 -8.30
C LEU A 16 -18.80 18.67 -8.34
N ILE A 17 -18.65 17.35 -8.43
CA ILE A 17 -17.35 16.71 -8.54
C ILE A 17 -17.30 15.97 -9.87
N LYS A 18 -16.27 16.24 -10.66
CA LYS A 18 -16.10 15.58 -11.95
C LYS A 18 -14.89 14.65 -11.89
N SER A 19 -15.03 13.48 -12.51
CA SER A 19 -13.94 12.52 -12.62
C SER A 19 -13.74 12.21 -14.10
N ASN A 20 -12.47 12.16 -14.53
CA ASN A 20 -12.18 11.76 -15.89
C ASN A 20 -12.49 10.29 -16.14
N ASN A 21 -12.62 9.48 -15.09
CA ASN A 21 -12.81 8.05 -15.29
C ASN A 21 -13.77 7.47 -14.26
N HIS A 22 -14.32 6.30 -14.61
CA HIS A 22 -15.23 5.59 -13.71
C HIS A 22 -14.48 4.93 -12.55
N GLU A 23 -13.24 4.52 -12.79
CA GLU A 23 -12.51 3.74 -11.79
C GLU A 23 -12.36 4.49 -10.48
N ASN A 24 -12.03 5.79 -10.54
CA ASN A 24 -11.78 6.51 -9.30
C ASN A 24 -13.04 6.71 -8.49
N VAL A 25 -14.20 6.86 -9.16
CA VAL A 25 -15.45 6.97 -8.43
C VAL A 25 -15.80 5.62 -7.80
N SER A 26 -15.50 4.51 -8.50
CA SER A 26 -15.68 3.20 -7.89
C SER A 26 -14.77 3.01 -6.68
N LEU A 27 -13.51 3.46 -6.80
CA LEU A 27 -12.59 3.37 -5.67
C LEU A 27 -13.10 4.22 -4.49
N ALA A 28 -13.61 5.42 -4.79
CA ALA A 28 -14.18 6.28 -3.75
C ALA A 28 -15.36 5.62 -3.07
N LYS A 29 -16.18 4.90 -3.84
CA LYS A 29 -17.29 4.15 -3.24
C LYS A 29 -16.79 3.00 -2.39
N ALA A 30 -15.69 2.37 -2.79
CA ALA A 30 -15.17 1.24 -2.03
C ALA A 30 -14.56 1.69 -0.71
N LYS A 31 -13.85 2.83 -0.71
CA LYS A 31 -13.00 3.22 0.41
C LYS A 31 -13.49 4.46 1.16
N GLY A 32 -14.48 5.17 0.66
CA GLY A 32 -14.98 6.35 1.36
C GLY A 32 -13.97 7.48 1.42
N VAL A 33 -13.29 7.76 0.31
CA VAL A 33 -12.30 8.82 0.22
C VAL A 33 -12.42 9.52 -1.12
N TRP A 34 -11.90 10.76 -1.19
CA TRP A 34 -11.80 11.48 -2.44
C TRP A 34 -10.59 12.40 -2.42
N SER A 35 -10.03 12.63 -3.59
CA SER A 35 -8.98 13.61 -3.80
C SER A 35 -9.34 14.46 -5.02
N THR A 36 -8.94 15.74 -4.98
CA THR A 36 -9.22 16.66 -6.06
C THR A 36 -7.96 17.50 -6.30
N LEU A 37 -8.05 18.41 -7.27
CA LEU A 37 -6.92 19.24 -7.66
C LEU A 37 -6.77 20.41 -6.69
N PRO A 38 -5.61 21.10 -6.72
CA PRO A 38 -5.28 22.02 -5.60
C PRO A 38 -6.29 23.12 -5.30
N VAL A 39 -6.79 23.83 -6.31
CA VAL A 39 -7.72 24.92 -6.04
C VAL A 39 -9.00 24.38 -5.40
N ASN A 40 -9.53 23.30 -5.95
CA ASN A 40 -10.72 22.68 -5.36
C ASN A 40 -10.42 22.14 -3.96
N GLU A 41 -9.22 21.60 -3.75
CA GLU A 41 -8.88 21.07 -2.43
C GLU A 41 -8.97 22.18 -1.38
N LYS A 42 -8.40 23.35 -1.67
CA LYS A 42 -8.48 24.44 -0.72
C LYS A 42 -9.92 24.93 -0.54
N LYS A 43 -10.69 25.01 -1.64
CA LYS A 43 -12.07 25.44 -1.51
C LYS A 43 -12.87 24.50 -0.63
N LEU A 44 -12.68 23.18 -0.81
CA LEU A 44 -13.42 22.20 -0.02
C LEU A 44 -12.99 22.23 1.44
N ASN A 45 -11.69 22.41 1.73
CA ASN A 45 -11.26 22.52 3.11
C ASN A 45 -11.92 23.71 3.81
N LEU A 46 -11.92 24.86 3.14
CA LEU A 46 -12.56 26.05 3.72
C LEU A 46 -14.06 25.81 3.95
N ALA A 47 -14.73 25.23 2.95
CA ALA A 47 -16.16 24.97 3.07
C ALA A 47 -16.43 24.00 4.22
N PHE A 48 -15.60 22.97 4.37
CA PHE A 48 -15.79 22.02 5.46
C PHE A 48 -15.71 22.73 6.80
N ARG A 49 -14.78 23.69 6.92
CA ARG A 49 -14.65 24.37 8.21
C ARG A 49 -15.79 25.35 8.47
N SER A 50 -16.40 25.92 7.42
CA SER A 50 -17.41 26.95 7.66
C SER A 50 -18.85 26.45 7.58
N ALA A 51 -19.12 25.32 6.94
CA ALA A 51 -20.49 24.91 6.65
C ALA A 51 -20.93 23.77 7.55
N ARG A 52 -22.24 23.69 7.80
CA ARG A 52 -22.77 22.58 8.60
C ARG A 52 -22.48 21.24 7.93
N SER A 53 -22.69 21.16 6.62
CA SER A 53 -22.39 19.97 5.84
C SER A 53 -21.92 20.40 4.46
N VAL A 54 -20.98 19.64 3.90
CA VAL A 54 -20.52 19.83 2.53
C VAL A 54 -20.86 18.57 1.74
N ILE A 55 -21.68 18.71 0.71
CA ILE A 55 -22.18 17.59 -0.08
C ILE A 55 -21.49 17.60 -1.44
N LEU A 56 -20.87 16.48 -1.79
CA LEU A 56 -20.24 16.28 -3.08
C LEU A 56 -21.17 15.45 -3.96
N ILE A 57 -21.49 15.98 -5.15
CA ILE A 57 -22.33 15.29 -6.13
C ILE A 57 -21.45 14.87 -7.28
N PHE A 58 -21.30 13.55 -7.47
CA PHE A 58 -20.30 13.01 -8.40
C PHE A 58 -20.87 12.84 -9.81
N SER A 59 -20.08 13.19 -10.80
CA SER A 59 -20.45 12.96 -12.20
C SER A 59 -19.21 12.63 -13.01
N VAL A 60 -19.16 11.42 -13.58
CA VAL A 60 -18.06 11.04 -14.44
C VAL A 60 -18.17 11.77 -15.78
N ARG A 61 -17.05 12.33 -16.23
CA ARG A 61 -16.99 13.09 -17.46
C ARG A 61 -17.52 12.30 -18.66
N GLU A 62 -18.42 12.93 -19.42
CA GLU A 62 -19.00 12.40 -20.65
C GLU A 62 -19.88 11.17 -20.40
N SER A 63 -20.26 10.90 -19.15
CA SER A 63 -21.12 9.76 -18.85
C SER A 63 -22.60 10.06 -18.99
N GLY A 64 -22.99 11.33 -19.03
CA GLY A 64 -24.39 11.70 -19.11
C GLY A 64 -25.19 11.44 -17.85
N LYS A 65 -24.52 11.23 -16.71
CA LYS A 65 -25.20 10.88 -15.46
C LYS A 65 -24.42 11.41 -14.27
N PHE A 66 -25.12 11.48 -13.14
CA PHE A 66 -24.47 11.55 -11.84
C PHE A 66 -24.37 10.14 -11.29
N GLN A 67 -23.32 9.88 -10.50
CA GLN A 67 -23.09 8.54 -9.97
C GLN A 67 -23.39 8.42 -8.48
N GLY A 68 -23.82 9.50 -7.83
CA GLY A 68 -24.15 9.46 -6.41
C GLY A 68 -23.73 10.73 -5.69
N PHE A 69 -23.93 10.76 -4.38
CA PHE A 69 -23.48 11.91 -3.60
C PHE A 69 -23.12 11.47 -2.18
N ALA A 70 -22.25 12.28 -1.57
CA ALA A 70 -21.62 11.95 -0.31
C ALA A 70 -21.38 13.22 0.49
N ARG A 71 -21.16 13.08 1.79
CA ARG A 71 -20.88 14.20 2.67
C ARG A 71 -19.42 14.15 3.12
N LEU A 72 -18.73 15.28 3.01
CA LEU A 72 -17.37 15.40 3.54
C LEU A 72 -17.39 15.18 5.04
N SER A 73 -16.53 14.28 5.53
CA SER A 73 -16.41 14.06 6.97
C SER A 73 -15.08 14.53 7.53
N SER A 74 -14.18 15.05 6.69
CA SER A 74 -12.91 15.57 7.19
C SER A 74 -12.34 16.56 6.19
N GLU A 75 -11.40 17.37 6.66
CA GLU A 75 -10.51 18.09 5.76
C GLU A 75 -9.55 17.10 5.09
N SER A 76 -8.87 17.57 4.05
CA SER A 76 -7.94 16.69 3.34
C SER A 76 -6.76 16.36 4.23
N HIS A 77 -6.34 15.09 4.22
CA HIS A 77 -5.23 14.60 5.00
C HIS A 77 -4.02 14.39 4.10
N HIS A 78 -2.83 14.68 4.61
CA HIS A 78 -1.58 14.46 3.91
C HIS A 78 -0.67 13.56 4.75
N GLY A 79 0.25 12.87 4.06
CA GLY A 79 1.28 12.10 4.72
C GLY A 79 0.92 10.66 5.06
N GLY A 80 -0.33 10.26 4.85
CA GLY A 80 -0.75 8.90 5.12
C GLY A 80 -0.47 7.98 3.95
N SER A 81 -1.03 6.78 4.03
CA SER A 81 -0.87 5.82 2.95
C SER A 81 -1.58 6.33 1.71
N PRO A 82 -0.92 6.34 0.55
CA PRO A 82 -1.53 6.96 -0.63
C PRO A 82 -2.65 6.12 -1.22
N ILE A 83 -3.65 6.80 -1.74
CA ILE A 83 -4.69 6.14 -2.53
C ILE A 83 -4.15 5.91 -3.94
N HIS A 84 -4.34 4.71 -4.46
CA HIS A 84 -3.80 4.38 -5.78
C HIS A 84 -4.84 4.69 -6.85
N TRP A 85 -5.06 5.99 -7.05
CA TRP A 85 -6.00 6.46 -8.07
C TRP A 85 -5.52 6.02 -9.46
N VAL A 86 -6.49 5.85 -10.36
CA VAL A 86 -6.18 5.71 -11.79
C VAL A 86 -5.94 7.11 -12.33
N LEU A 87 -4.71 7.38 -12.75
CA LEU A 87 -4.31 8.74 -13.07
C LEU A 87 -4.67 9.08 -14.50
N PRO A 88 -5.51 10.09 -14.75
CA PRO A 88 -5.75 10.51 -16.13
C PRO A 88 -4.45 10.94 -16.80
N ALA A 89 -4.45 10.87 -18.13
CA ALA A 89 -3.27 11.27 -18.89
C ALA A 89 -2.91 12.72 -18.58
N GLY A 90 -1.65 12.95 -18.25
CA GLY A 90 -1.19 14.28 -17.92
C GLY A 90 -1.33 14.68 -16.46
N MET A 91 -1.91 13.82 -15.63
CA MET A 91 -2.08 14.10 -14.22
C MET A 91 -1.16 13.22 -13.39
N SER A 92 -0.54 13.81 -12.38
CA SER A 92 0.36 13.11 -11.49
C SER A 92 -0.31 12.85 -10.15
N ALA A 93 0.26 11.92 -9.38
CA ALA A 93 -0.25 11.65 -8.05
C ALA A 93 -0.15 12.89 -7.15
N LYS A 94 0.91 13.67 -7.32
CA LYS A 94 1.09 14.87 -6.50
C LYS A 94 -0.02 15.88 -6.75
N MET A 95 -0.51 15.98 -7.99
CA MET A 95 -1.58 16.92 -8.32
C MET A 95 -2.85 16.67 -7.53
N LEU A 96 -3.08 15.43 -7.10
CA LEU A 96 -4.31 15.14 -6.36
C LEU A 96 -4.17 15.39 -4.87
N GLY A 97 -2.95 15.70 -4.41
CA GLY A 97 -2.78 16.25 -3.07
C GLY A 97 -3.30 15.34 -1.98
N GLY A 98 -4.10 15.92 -1.08
CA GLY A 98 -4.56 15.23 0.10
C GLY A 98 -5.78 14.38 -0.16
N VAL A 99 -6.19 13.68 0.88
CA VAL A 99 -7.28 12.71 0.83
C VAL A 99 -8.37 13.12 1.81
N PHE A 100 -9.55 13.42 1.29
CA PHE A 100 -10.73 13.68 2.12
C PHE A 100 -11.39 12.37 2.50
N LYS A 101 -11.86 12.28 3.74
CA LYS A 101 -12.80 11.22 4.09
C LYS A 101 -14.21 11.68 3.75
N ILE A 102 -14.99 10.79 3.14
CA ILE A 102 -16.38 11.07 2.78
C ILE A 102 -17.27 9.92 3.22
N ASP A 103 -18.52 10.25 3.54
CA ASP A 103 -19.56 9.28 3.88
C ASP A 103 -20.60 9.32 2.77
N TRP A 104 -20.72 8.23 2.04
CA TRP A 104 -21.69 8.19 0.95
C TRP A 104 -23.12 8.25 1.50
N ILE A 105 -23.94 9.09 0.88
CA ILE A 105 -25.36 9.16 1.19
C ILE A 105 -26.18 8.36 0.18
N CYS A 106 -25.78 8.40 -1.08
CA CYS A 106 -26.47 7.62 -2.12
C CYS A 106 -25.44 7.21 -3.17
N ARG A 107 -25.40 5.92 -3.49
CA ARG A 107 -24.45 5.43 -4.49
CA ARG A 107 -24.46 5.39 -4.48
C ARG A 107 -25.14 5.05 -5.81
N ARG A 108 -26.42 5.41 -5.96
CA ARG A 108 -27.18 5.16 -7.17
C ARG A 108 -26.97 6.28 -8.20
N GLU A 109 -27.20 5.94 -9.47
CA GLU A 109 -27.05 6.89 -10.56
C GLU A 109 -28.31 7.74 -10.73
N LEU A 110 -28.13 8.93 -11.31
CA LEU A 110 -29.24 9.76 -11.77
C LEU A 110 -28.87 10.25 -13.16
N PRO A 111 -29.62 9.88 -14.20
CA PRO A 111 -29.30 10.37 -15.54
C PRO A 111 -29.61 11.85 -15.67
N PHE A 112 -28.83 12.53 -16.52
CA PHE A 112 -29.04 13.97 -16.73
C PHE A 112 -30.44 14.27 -17.24
N THR A 113 -31.06 13.34 -17.96
CA THR A 113 -32.41 13.55 -18.46
C THR A 113 -33.38 13.92 -17.34
N LYS A 114 -33.17 13.38 -16.15
CA LYS A 114 -34.08 13.65 -15.04
C LYS A 114 -33.76 14.93 -14.27
N SER A 115 -32.61 15.55 -14.50
CA SER A 115 -32.28 16.81 -13.84
C SER A 115 -32.36 18.00 -14.79
N ALA A 116 -32.91 17.81 -15.99
CA ALA A 116 -32.93 18.87 -17.00
C ALA A 116 -33.77 20.07 -16.58
N HIS A 117 -34.73 19.89 -15.69
CA HIS A 117 -35.55 21.00 -15.22
C HIS A 117 -34.88 21.83 -14.13
N LEU A 118 -33.75 21.39 -13.60
CA LEU A 118 -33.06 22.11 -12.53
C LEU A 118 -31.92 22.96 -13.11
N THR A 119 -31.98 24.27 -12.89
CA THR A 119 -30.92 25.18 -13.27
C THR A 119 -30.22 25.73 -12.03
N ASN A 120 -28.93 26.05 -12.20
CA ASN A 120 -28.06 26.46 -11.10
C ASN A 120 -27.83 27.97 -11.18
N PRO A 121 -28.47 28.78 -10.33
CA PRO A 121 -28.26 30.23 -10.40
C PRO A 121 -26.85 30.68 -10.06
N TRP A 122 -26.03 29.84 -9.43
CA TRP A 122 -24.64 30.17 -9.18
C TRP A 122 -23.74 29.72 -10.33
N ASN A 123 -24.31 29.22 -11.43
CA ASN A 123 -23.56 28.96 -12.64
C ASN A 123 -24.35 29.46 -13.86
N GLU A 124 -24.69 30.75 -13.84
CA GLU A 124 -25.32 31.44 -14.98
C GLU A 124 -26.65 30.80 -15.36
N HIS A 125 -27.33 30.18 -14.39
CA HIS A 125 -28.64 29.56 -14.58
C HIS A 125 -28.60 28.46 -15.64
N LYS A 126 -27.44 27.86 -15.83
CA LYS A 126 -27.33 26.70 -16.71
C LYS A 126 -27.93 25.47 -16.01
N PRO A 127 -28.43 24.51 -16.79
CA PRO A 127 -28.83 23.22 -16.20
C PRO A 127 -27.78 22.68 -15.25
N VAL A 128 -28.20 22.11 -14.12
CA VAL A 128 -27.25 21.78 -13.06
C VAL A 128 -26.23 20.74 -13.50
N LYS A 129 -26.52 19.97 -14.55
CA LYS A 129 -25.53 19.03 -15.08
C LYS A 129 -24.29 19.73 -15.61
N ILE A 130 -24.38 21.02 -15.94
CA ILE A 130 -23.26 21.73 -16.55
C ILE A 130 -22.38 22.32 -15.46
N GLY A 131 -21.09 22.00 -15.51
CA GLY A 131 -20.16 22.56 -14.57
C GLY A 131 -18.81 21.89 -14.59
N ARG A 132 -17.75 22.64 -14.31
CA ARG A 132 -16.44 22.08 -14.09
C ARG A 132 -16.36 21.43 -12.71
N ASP A 133 -15.31 20.62 -12.52
CA ASP A 133 -15.01 20.06 -11.21
C ASP A 133 -14.97 21.16 -10.15
N GLY A 134 -15.73 20.96 -9.09
CA GLY A 134 -15.78 21.93 -8.00
C GLY A 134 -16.83 23.01 -8.13
N GLN A 135 -17.60 23.03 -9.20
CA GLN A 135 -18.65 24.04 -9.37
C GLN A 135 -19.63 23.99 -8.20
N GLU A 136 -19.82 25.12 -7.50
CA GLU A 136 -20.77 25.12 -6.41
C GLU A 136 -22.20 25.22 -6.95
N ILE A 137 -23.13 24.57 -6.24
CA ILE A 137 -24.54 24.50 -6.63
C ILE A 137 -25.36 25.20 -5.55
N GLU A 138 -26.28 26.09 -5.98
CA GLU A 138 -27.09 26.85 -5.04
C GLU A 138 -27.94 25.93 -4.19
N LEU A 139 -28.23 26.38 -2.96
CA LEU A 139 -28.83 25.53 -1.92
C LEU A 139 -30.10 24.82 -2.40
N GLU A 140 -31.07 25.57 -2.91
CA GLU A 140 -32.32 24.95 -3.32
C GLU A 140 -32.12 24.00 -4.49
N CYS A 141 -31.31 24.41 -5.47
CA CYS A 141 -31.01 23.55 -6.60
C CYS A 141 -30.36 22.24 -6.16
N GLY A 142 -29.34 22.35 -5.29
CA GLY A 142 -28.65 21.15 -4.83
C GLY A 142 -29.57 20.23 -4.02
N THR A 143 -30.41 20.82 -3.17
CA THR A 143 -31.34 20.02 -2.37
C THR A 143 -32.30 19.25 -3.27
N GLN A 144 -32.93 19.94 -4.23
CA GLN A 144 -33.85 19.25 -5.13
C GLN A 144 -33.13 18.18 -5.95
N LEU A 145 -31.90 18.48 -6.39
CA LEU A 145 -31.13 17.51 -7.15
C LEU A 145 -30.89 16.24 -6.34
N CYS A 146 -30.42 16.39 -5.10
CA CYS A 146 -30.21 15.21 -4.26
C CYS A 146 -31.52 14.47 -4.00
N LEU A 147 -32.63 15.19 -3.89
CA LEU A 147 -33.90 14.52 -3.63
C LEU A 147 -34.39 13.73 -4.86
N LEU A 148 -33.86 14.02 -6.05
CA LEU A 148 -34.25 13.24 -7.23
C LEU A 148 -33.65 11.84 -7.27
N PHE A 149 -32.51 11.60 -6.61
CA PHE A 149 -31.84 10.30 -6.70
C PHE A 149 -32.74 9.19 -6.15
N PRO A 150 -32.63 7.98 -6.68
CA PRO A 150 -33.36 6.83 -6.12
C PRO A 150 -32.85 6.52 -4.72
N PRO A 151 -33.66 5.90 -3.87
CA PRO A 151 -33.17 5.49 -2.55
C PRO A 151 -32.07 4.46 -2.69
N ASP A 152 -31.04 4.60 -1.86
CA ASP A 152 -29.97 3.61 -1.77
C ASP A 152 -30.30 2.74 -0.56
N GLU A 153 -30.92 1.58 -0.83
CA GLU A 153 -31.48 0.77 0.23
C GLU A 153 -30.44 0.19 1.17
N SER A 154 -29.17 0.15 0.78
CA SER A 154 -28.16 -0.50 1.61
C SER A 154 -27.36 0.48 2.46
N ILE A 155 -27.52 1.79 2.27
CA ILE A 155 -26.78 2.76 3.06
C ILE A 155 -27.46 2.95 4.41
N ASP A 156 -26.66 2.90 5.49
CA ASP A 156 -27.12 3.22 6.84
C ASP A 156 -26.63 4.63 7.16
N LEU A 157 -27.55 5.57 7.24
CA LEU A 157 -27.20 6.97 7.48
C LEU A 157 -26.84 7.27 8.93
N TYR A 158 -26.84 6.26 9.80
CA TYR A 158 -26.55 6.50 11.21
C TYR A 158 -25.17 7.13 11.40
N GLN A 159 -24.16 6.62 10.69
CA GLN A 159 -22.81 7.15 10.88
C GLN A 159 -22.73 8.63 10.54
N VAL A 160 -23.24 9.00 9.35
CA VAL A 160 -23.31 10.40 8.96
C VAL A 160 -23.96 11.23 10.06
N ILE A 161 -25.16 10.83 10.46
CA ILE A 161 -25.95 11.65 11.37
C ILE A 161 -25.28 11.75 12.73
N HIS A 162 -24.65 10.67 13.18
CA HIS A 162 -23.94 10.66 14.46
C HIS A 162 -22.74 11.60 14.42
N LYS A 163 -22.02 11.65 13.30
CA LYS A 163 -20.90 12.57 13.18
C LYS A 163 -21.36 14.03 13.33
N MET A 164 -22.55 14.34 12.84
CA MET A 164 -23.05 15.70 12.83
C MET A 164 -23.49 16.17 14.22
N THR B 2 -22.19 -6.52 -30.32
CA THR B 2 -22.65 -7.84 -29.94
C THR B 2 -21.69 -8.92 -30.46
N SER B 3 -21.14 -8.67 -31.65
CA SER B 3 -20.21 -9.62 -32.24
C SER B 3 -18.96 -9.78 -31.37
N LYS B 4 -18.42 -8.66 -30.89
CA LYS B 4 -17.27 -8.72 -29.99
C LYS B 4 -17.61 -9.44 -28.70
N LEU B 5 -18.80 -9.16 -28.14
CA LEU B 5 -19.20 -9.82 -26.90
C LEU B 5 -19.35 -11.32 -27.11
N LYS B 6 -20.04 -11.73 -28.18
CA LYS B 6 -20.20 -13.15 -28.46
C LYS B 6 -18.86 -13.84 -28.72
N TYR B 7 -17.90 -13.12 -29.33
CA TYR B 7 -16.57 -13.67 -29.48
C TYR B 7 -15.89 -13.87 -28.11
N VAL B 8 -16.04 -12.89 -27.21
CA VAL B 8 -15.45 -13.01 -25.89
C VAL B 8 -16.08 -14.17 -25.12
N LEU B 9 -17.37 -14.42 -25.34
CA LEU B 9 -18.10 -15.46 -24.63
C LEU B 9 -17.96 -16.83 -25.27
N GLN B 10 -17.35 -16.90 -26.46
CA GLN B 10 -17.20 -18.17 -27.17
C GLN B 10 -16.40 -19.18 -26.35
N ASP B 11 -16.97 -20.37 -26.17
CA ASP B 11 -16.31 -21.48 -25.47
C ASP B 11 -15.89 -21.11 -24.06
N ALA B 12 -16.63 -20.22 -23.41
CA ALA B 12 -16.29 -19.81 -22.06
C ALA B 12 -16.95 -20.73 -21.03
N ARG B 13 -16.35 -20.78 -19.85
CA ARG B 13 -17.02 -21.29 -18.67
C ARG B 13 -17.41 -20.12 -17.77
N PHE B 14 -18.54 -20.29 -17.08
CA PHE B 14 -19.17 -19.21 -16.33
C PHE B 14 -19.28 -19.57 -14.86
N PHE B 15 -18.93 -18.64 -13.98
CA PHE B 15 -19.04 -18.85 -12.54
C PHE B 15 -19.74 -17.67 -11.89
N LEU B 16 -20.71 -17.97 -11.04
CA LEU B 16 -21.32 -16.96 -10.19
C LEU B 16 -20.37 -16.58 -9.06
N ILE B 17 -20.21 -15.28 -8.85
CA ILE B 17 -19.40 -14.74 -7.76
C ILE B 17 -20.31 -13.97 -6.82
N LYS B 18 -20.25 -14.30 -5.54
CA LYS B 18 -21.02 -13.62 -4.51
C LYS B 18 -20.10 -12.80 -3.62
N SER B 19 -20.56 -11.61 -3.24
CA SER B 19 -19.85 -10.79 -2.28
C SER B 19 -20.80 -10.42 -1.15
N ASN B 20 -20.32 -10.51 0.09
CA ASN B 20 -21.12 -10.08 1.22
C ASN B 20 -21.35 -8.58 1.24
N ASN B 21 -20.60 -7.79 0.48
CA ASN B 21 -20.75 -6.34 0.53
C ASN B 21 -20.57 -5.71 -0.85
N HIS B 22 -21.08 -4.48 -0.97
CA HIS B 22 -20.93 -3.71 -2.20
C HIS B 22 -19.51 -3.19 -2.38
N GLU B 23 -18.85 -2.84 -1.27
CA GLU B 23 -17.56 -2.17 -1.35
C GLU B 23 -16.55 -2.98 -2.13
N ASN B 24 -16.49 -4.30 -1.91
CA ASN B 24 -15.47 -5.09 -2.57
C ASN B 24 -15.73 -5.20 -4.07
N VAL B 25 -17.00 -5.20 -4.49
CA VAL B 25 -17.29 -5.22 -5.92
C VAL B 25 -16.90 -3.88 -6.54
N SER B 26 -17.12 -2.77 -5.82
CA SER B 26 -16.65 -1.49 -6.32
C SER B 26 -15.14 -1.44 -6.41
N LEU B 27 -14.44 -2.00 -5.41
CA LEU B 27 -12.98 -2.05 -5.47
C LEU B 27 -12.52 -2.87 -6.66
N ALA B 28 -13.17 -4.01 -6.90
CA ALA B 28 -12.85 -4.85 -8.05
C ALA B 28 -13.06 -4.09 -9.36
N LYS B 29 -14.12 -3.28 -9.44
CA LYS B 29 -14.32 -2.49 -10.65
C LYS B 29 -13.27 -1.39 -10.78
N ALA B 30 -12.76 -0.88 -9.67
CA ALA B 30 -11.75 0.18 -9.74
C ALA B 30 -10.38 -0.36 -10.14
N LYS B 31 -10.01 -1.55 -9.64
CA LYS B 31 -8.64 -2.05 -9.79
C LYS B 31 -8.52 -3.27 -10.69
N GLY B 32 -9.63 -3.85 -11.14
CA GLY B 32 -9.55 -5.02 -12.01
C GLY B 32 -8.92 -6.22 -11.34
N VAL B 33 -9.34 -6.52 -10.11
CA VAL B 33 -8.84 -7.65 -9.36
C VAL B 33 -9.99 -8.31 -8.61
N TRP B 34 -9.80 -9.58 -8.24
CA TRP B 34 -10.76 -10.28 -7.39
C TRP B 34 -10.01 -11.31 -6.56
N SER B 35 -10.55 -11.57 -5.37
CA SER B 35 -10.08 -12.64 -4.49
CA SER B 35 -10.08 -12.64 -4.49
C SER B 35 -11.29 -13.42 -3.97
N THR B 36 -11.11 -14.72 -3.79
CA THR B 36 -12.19 -15.57 -3.32
C THR B 36 -11.64 -16.53 -2.27
N LEU B 37 -12.52 -17.34 -1.69
CA LEU B 37 -12.15 -18.28 -0.65
C LEU B 37 -11.40 -19.48 -1.25
N PRO B 38 -10.70 -20.28 -0.43
CA PRO B 38 -9.71 -21.24 -0.98
C PRO B 38 -10.23 -22.25 -1.98
N VAL B 39 -11.37 -22.91 -1.72
CA VAL B 39 -11.86 -23.92 -2.64
C VAL B 39 -12.18 -23.28 -4.00
N ASN B 40 -12.86 -22.13 -3.96
CA ASN B 40 -13.15 -21.41 -5.20
C ASN B 40 -11.88 -20.95 -5.90
N GLU B 41 -10.87 -20.54 -5.12
CA GLU B 41 -9.62 -20.08 -5.74
C GLU B 41 -8.96 -21.21 -6.53
N LYS B 42 -8.89 -22.42 -5.94
CA LYS B 42 -8.37 -23.57 -6.67
C LYS B 42 -9.21 -23.87 -7.92
N LYS B 43 -10.55 -23.83 -7.76
CA LYS B 43 -11.42 -24.14 -8.89
C LYS B 43 -11.19 -23.17 -10.04
N LEU B 44 -11.08 -21.87 -9.73
CA LEU B 44 -10.89 -20.86 -10.75
C LEU B 44 -9.52 -20.97 -11.40
N ASN B 45 -8.46 -21.28 -10.63
CA ASN B 45 -7.16 -21.48 -11.25
C ASN B 45 -7.19 -22.64 -12.25
N LEU B 46 -7.80 -23.77 -11.85
CA LEU B 46 -7.90 -24.89 -12.77
C LEU B 46 -8.69 -24.53 -14.01
N ALA B 47 -9.82 -23.83 -13.84
CA ALA B 47 -10.65 -23.45 -14.98
C ALA B 47 -9.90 -22.50 -15.90
N PHE B 48 -9.16 -21.55 -15.34
CA PHE B 48 -8.37 -20.64 -16.16
C PHE B 48 -7.37 -21.41 -17.02
N ARG B 49 -6.75 -22.44 -16.43
CA ARG B 49 -5.77 -23.20 -17.21
C ARG B 49 -6.42 -24.10 -18.25
N SER B 50 -7.67 -24.52 -18.04
CA SER B 50 -8.28 -25.50 -18.95
C SER B 50 -9.30 -24.91 -19.92
N ALA B 51 -9.72 -23.66 -19.74
CA ALA B 51 -10.79 -23.08 -20.54
C ALA B 51 -10.26 -21.93 -21.39
N ARG B 52 -10.87 -21.74 -22.56
CA ARG B 52 -10.49 -20.62 -23.40
C ARG B 52 -10.73 -19.29 -22.72
N SER B 53 -11.88 -19.15 -22.04
CA SER B 53 -12.19 -17.99 -21.23
C SER B 53 -12.99 -18.42 -20.00
N VAL B 54 -12.73 -17.75 -18.89
CA VAL B 54 -13.51 -17.93 -17.67
C VAL B 54 -14.20 -16.60 -17.38
N ILE B 55 -15.53 -16.63 -17.25
CA ILE B 55 -16.33 -15.44 -17.04
C ILE B 55 -16.92 -15.48 -15.62
N LEU B 56 -16.68 -14.41 -14.87
CA LEU B 56 -17.22 -14.24 -13.52
C LEU B 56 -18.41 -13.29 -13.58
N ILE B 57 -19.55 -13.74 -13.09
CA ILE B 57 -20.77 -12.93 -13.04
C ILE B 57 -21.03 -12.57 -11.57
N PHE B 58 -20.97 -11.27 -11.27
CA PHE B 58 -20.95 -10.79 -9.89
C PHE B 58 -22.35 -10.49 -9.36
N SER B 59 -22.60 -10.88 -8.12
CA SER B 59 -23.87 -10.57 -7.45
C SER B 59 -23.62 -10.33 -5.96
N VAL B 60 -23.90 -9.10 -5.50
CA VAL B 60 -23.81 -8.81 -4.07
C VAL B 60 -24.92 -9.53 -3.33
N ARG B 61 -24.56 -10.19 -2.24
CA ARG B 61 -25.51 -10.96 -1.45
C ARG B 61 -26.66 -10.08 -0.96
N GLU B 62 -27.89 -10.56 -1.17
CA GLU B 62 -29.14 -9.93 -0.76
C GLU B 62 -29.45 -8.63 -1.50
N SER B 63 -28.75 -8.35 -2.61
CA SER B 63 -28.99 -7.13 -3.37
C SER B 63 -30.09 -7.29 -4.41
N GLY B 64 -30.50 -8.52 -4.72
CA GLY B 64 -31.50 -8.77 -5.73
C GLY B 64 -31.05 -8.48 -7.15
N LYS B 65 -29.75 -8.37 -7.40
CA LYS B 65 -29.24 -7.97 -8.70
C LYS B 65 -27.89 -8.62 -8.95
N PHE B 66 -27.52 -8.69 -10.24
CA PHE B 66 -26.13 -8.82 -10.65
C PHE B 66 -25.54 -7.44 -10.84
N GLN B 67 -24.25 -7.30 -10.56
CA GLN B 67 -23.57 -6.01 -10.69
C GLN B 67 -22.63 -5.94 -11.89
N GLY B 68 -22.59 -6.97 -12.72
CA GLY B 68 -21.74 -6.96 -13.90
C GLY B 68 -21.01 -8.27 -14.11
N PHE B 69 -20.17 -8.33 -15.14
CA PHE B 69 -19.38 -9.53 -15.36
C PHE B 69 -18.06 -9.19 -16.04
N ALA B 70 -17.09 -10.09 -15.82
CA ALA B 70 -15.70 -9.84 -16.16
C ALA B 70 -15.03 -11.14 -16.58
N ARG B 71 -13.92 -11.02 -17.29
CA ARG B 71 -13.17 -12.19 -17.74
C ARG B 71 -11.90 -12.34 -16.92
N LEU B 72 -11.67 -13.57 -16.43
CA LEU B 72 -10.43 -13.91 -15.73
C LEU B 72 -9.24 -13.72 -16.65
N SER B 73 -8.28 -12.91 -16.22
CA SER B 73 -7.11 -12.61 -17.04
C SER B 73 -5.84 -13.26 -16.53
N SER B 74 -5.86 -13.89 -15.37
CA SER B 74 -4.68 -14.56 -14.83
C SER B 74 -5.10 -15.54 -13.75
N GLU B 75 -4.19 -16.46 -13.43
CA GLU B 75 -4.33 -17.22 -12.20
C GLU B 75 -4.10 -16.29 -11.00
N SER B 76 -4.42 -16.79 -9.81
CA SER B 76 -4.27 -15.98 -8.62
C SER B 76 -2.79 -15.81 -8.27
N HIS B 77 -2.42 -14.59 -7.91
CA HIS B 77 -1.05 -14.24 -7.56
C HIS B 77 -0.93 -14.02 -6.06
N HIS B 78 0.22 -14.40 -5.51
CA HIS B 78 0.51 -14.24 -4.09
C HIS B 78 1.79 -13.44 -3.91
N GLY B 79 1.95 -12.87 -2.73
CA GLY B 79 3.19 -12.24 -2.34
C GLY B 79 3.34 -10.79 -2.75
N GLY B 80 2.36 -10.22 -3.44
CA GLY B 80 2.42 -8.83 -3.86
C GLY B 80 1.77 -7.90 -2.86
N SER B 81 1.60 -6.65 -3.28
CA SER B 81 0.94 -5.66 -2.43
C SER B 81 -0.49 -6.11 -2.16
N PRO B 82 -0.92 -6.19 -0.90
CA PRO B 82 -2.26 -6.70 -0.62
C PRO B 82 -3.33 -5.73 -1.10
N ILE B 83 -4.44 -6.31 -1.54
CA ILE B 83 -5.67 -5.56 -1.77
C ILE B 83 -6.36 -5.36 -0.43
N HIS B 84 -6.74 -4.13 -0.13
CA HIS B 84 -7.37 -3.81 1.15
C HIS B 84 -8.88 -4.02 1.05
N TRP B 85 -9.27 -5.28 0.95
CA TRP B 85 -10.70 -5.62 0.91
C TRP B 85 -11.39 -5.18 2.19
N VAL B 86 -12.69 -4.91 2.08
CA VAL B 86 -13.54 -4.77 3.25
C VAL B 86 -13.90 -6.18 3.69
N LEU B 87 -13.44 -6.56 4.89
CA LEU B 87 -13.53 -7.95 5.33
C LEU B 87 -14.87 -8.21 6.01
N PRO B 88 -15.68 -9.13 5.50
CA PRO B 88 -16.92 -9.48 6.20
C PRO B 88 -16.62 -10.01 7.59
N ALA B 89 -17.64 -9.93 8.45
CA ALA B 89 -17.48 -10.40 9.83
C ALA B 89 -17.03 -11.85 9.86
N GLY B 90 -15.97 -12.11 10.61
CA GLY B 90 -15.45 -13.47 10.74
C GLY B 90 -14.53 -13.93 9.64
N MET B 91 -14.24 -13.08 8.65
CA MET B 91 -13.35 -13.42 7.56
C MET B 91 -12.04 -12.64 7.71
N SER B 92 -10.92 -13.34 7.54
CA SER B 92 -9.60 -12.75 7.63
C SER B 92 -9.05 -12.46 6.23
N ALA B 93 -8.02 -11.62 6.18
CA ALA B 93 -7.36 -11.36 4.91
C ALA B 93 -6.75 -12.63 4.34
N LYS B 94 -6.24 -13.51 5.21
CA LYS B 94 -5.63 -14.75 4.76
C LYS B 94 -6.64 -15.64 4.05
N MET B 95 -7.89 -15.64 4.50
CA MET B 95 -8.91 -16.49 3.88
C MET B 95 -9.10 -16.15 2.40
N LEU B 96 -8.83 -14.91 2.01
CA LEU B 96 -9.07 -14.51 0.63
C LEU B 96 -7.91 -14.84 -0.30
N GLY B 97 -6.80 -15.34 0.23
CA GLY B 97 -5.77 -15.95 -0.58
C GLY B 97 -5.18 -15.01 -1.62
N GLY B 98 -5.01 -15.53 -2.83
CA GLY B 98 -4.36 -14.81 -3.90
C GLY B 98 -5.29 -13.82 -4.59
N VAL B 99 -4.70 -13.07 -5.51
CA VAL B 99 -5.39 -12.01 -6.23
C VAL B 99 -5.40 -12.36 -7.72
N PHE B 100 -6.60 -12.51 -8.28
CA PHE B 100 -6.78 -12.68 -9.71
C PHE B 100 -6.85 -11.32 -10.38
N LYS B 101 -6.23 -11.21 -11.55
CA LYS B 101 -6.50 -10.09 -12.42
C LYS B 101 -7.74 -10.39 -13.27
N ILE B 102 -8.61 -9.40 -13.40
CA ILE B 102 -9.83 -9.53 -14.20
C ILE B 102 -9.99 -8.32 -15.10
N ASP B 103 -10.63 -8.55 -16.26
CA ASP B 103 -10.96 -7.49 -17.22
C ASP B 103 -12.48 -7.41 -17.30
N TRP B 104 -13.04 -6.29 -16.86
CA TRP B 104 -14.48 -6.15 -16.86
C TRP B 104 -15.01 -6.08 -18.29
N ILE B 105 -16.07 -6.84 -18.56
CA ILE B 105 -16.78 -6.76 -19.82
CA ILE B 105 -16.79 -6.77 -19.82
C ILE B 105 -17.99 -5.85 -19.71
N CYS B 106 -18.69 -5.90 -18.59
CA CYS B 106 -19.84 -5.04 -18.38
C CYS B 106 -19.91 -4.71 -16.90
N ARG B 107 -20.00 -3.42 -16.57
CA ARG B 107 -20.09 -2.97 -15.19
CA ARG B 107 -20.10 -2.99 -15.18
C ARG B 107 -21.50 -2.52 -14.82
N ARG B 108 -22.48 -2.76 -15.68
CA ARG B 108 -23.87 -2.38 -15.44
C ARG B 108 -24.61 -3.47 -14.68
N GLU B 109 -25.67 -3.07 -13.99
CA GLU B 109 -26.46 -3.99 -13.19
C GLU B 109 -27.52 -4.70 -14.03
N LEU B 110 -27.89 -5.89 -13.60
CA LEU B 110 -29.04 -6.62 -14.15
C LEU B 110 -29.88 -7.08 -12.97
N PRO B 111 -31.11 -6.60 -12.82
CA PRO B 111 -31.95 -7.08 -11.72
C PRO B 111 -32.37 -8.54 -11.92
N PHE B 112 -32.57 -9.24 -10.81
CA PHE B 112 -32.97 -10.64 -10.88
C PHE B 112 -34.30 -10.81 -11.63
N THR B 113 -35.18 -9.81 -11.56
CA THR B 113 -36.47 -9.91 -12.25
C THR B 113 -36.28 -10.20 -13.74
N LYS B 114 -35.20 -9.72 -14.34
CA LYS B 114 -34.99 -9.92 -15.77
C LYS B 114 -34.34 -11.25 -16.10
N SER B 115 -33.80 -11.99 -15.13
CA SER B 115 -33.18 -13.28 -15.39
C SER B 115 -34.03 -14.43 -14.89
N ALA B 116 -35.29 -14.17 -14.53
CA ALA B 116 -36.13 -15.19 -13.91
C ALA B 116 -36.47 -16.33 -14.86
N HIS B 117 -36.41 -16.11 -16.17
CA HIS B 117 -36.72 -17.15 -17.14
C HIS B 117 -35.55 -18.10 -17.38
N LEU B 118 -34.37 -17.81 -16.84
CA LEU B 118 -33.19 -18.62 -17.08
C LEU B 118 -32.96 -19.54 -15.87
N THR B 119 -32.94 -20.84 -16.11
CA THR B 119 -32.60 -21.81 -15.09
C THR B 119 -31.26 -22.47 -15.40
N ASN B 120 -30.58 -22.91 -14.35
CA ASN B 120 -29.22 -23.45 -14.46
C ASN B 120 -29.27 -24.96 -14.33
N PRO B 121 -29.12 -25.71 -15.43
CA PRO B 121 -29.15 -27.17 -15.34
C PRO B 121 -28.05 -27.75 -14.48
N TRP B 122 -26.96 -27.03 -14.28
CA TRP B 122 -25.88 -27.49 -13.41
C TRP B 122 -26.09 -27.08 -11.96
N ASN B 123 -27.23 -26.47 -11.62
CA ASN B 123 -27.61 -26.23 -10.23
C ASN B 123 -29.08 -26.62 -10.03
N GLU B 124 -29.40 -27.87 -10.36
CA GLU B 124 -30.72 -28.46 -10.12
C GLU B 124 -31.85 -27.72 -10.84
N HIS B 125 -31.53 -27.06 -11.95
CA HIS B 125 -32.49 -26.32 -12.76
C HIS B 125 -33.14 -25.19 -11.97
N LYS B 126 -32.45 -24.68 -10.97
CA LYS B 126 -32.92 -23.50 -10.24
C LYS B 126 -32.71 -22.25 -11.08
N PRO B 127 -33.52 -21.22 -10.88
CA PRO B 127 -33.26 -19.92 -11.51
C PRO B 127 -31.81 -19.51 -11.31
N VAL B 128 -31.21 -18.94 -12.36
CA VAL B 128 -29.77 -18.70 -12.35
C VAL B 128 -29.34 -17.77 -11.23
N LYS B 129 -30.26 -16.96 -10.68
CA LYS B 129 -29.93 -16.09 -9.56
C LYS B 129 -29.57 -16.87 -8.31
N ILE B 130 -29.96 -18.14 -8.23
CA ILE B 130 -29.74 -18.94 -7.04
C ILE B 130 -28.39 -19.63 -7.16
N GLY B 131 -27.54 -19.47 -6.15
CA GLY B 131 -26.27 -20.14 -6.14
C GLY B 131 -25.34 -19.60 -5.09
N ARG B 132 -24.45 -20.45 -4.56
CA ARG B 132 -23.38 -20.02 -3.69
C ARG B 132 -22.23 -19.42 -4.50
N ASP B 133 -21.35 -18.73 -3.80
CA ASP B 133 -20.11 -18.23 -4.39
C ASP B 133 -19.40 -19.36 -5.14
N GLY B 134 -19.10 -19.11 -6.41
CA GLY B 134 -18.41 -20.07 -7.23
C GLY B 134 -19.27 -21.06 -7.98
N GLN B 135 -20.59 -20.98 -7.84
CA GLN B 135 -21.48 -21.90 -8.56
C GLN B 135 -21.26 -21.78 -10.07
N GLU B 136 -20.93 -22.89 -10.72
CA GLU B 136 -20.74 -22.85 -12.16
C GLU B 136 -22.08 -22.84 -12.87
N ILE B 137 -22.15 -22.11 -13.98
CA ILE B 137 -23.38 -21.93 -14.75
C ILE B 137 -23.20 -22.60 -16.11
N GLU B 138 -24.19 -23.41 -16.49
CA GLU B 138 -24.14 -24.11 -17.77
C GLU B 138 -23.97 -23.11 -18.92
N LEU B 139 -23.32 -23.57 -19.99
CA LEU B 139 -22.80 -22.66 -21.01
C LEU B 139 -23.91 -21.85 -21.67
N GLU B 140 -24.98 -22.51 -22.13
CA GLU B 140 -26.06 -21.78 -22.79
C GLU B 140 -26.71 -20.79 -21.84
N CYS B 141 -26.99 -21.23 -20.61
CA CYS B 141 -27.58 -20.36 -19.61
C CYS B 141 -26.69 -19.14 -19.33
N GLY B 142 -25.39 -19.38 -19.15
CA GLY B 142 -24.48 -18.28 -18.86
C GLY B 142 -24.36 -17.30 -20.01
N THR B 143 -24.31 -17.82 -21.24
CA THR B 143 -24.25 -16.96 -22.42
C THR B 143 -25.48 -16.07 -22.51
N GLN B 144 -26.68 -16.67 -22.38
CA GLN B 144 -27.90 -15.87 -22.45
C GLN B 144 -27.96 -14.85 -21.31
N LEU B 145 -27.51 -15.23 -20.11
CA LEU B 145 -27.50 -14.30 -18.99
C LEU B 145 -26.62 -13.10 -19.29
N CYS B 146 -25.39 -13.33 -19.77
CA CYS B 146 -24.52 -12.22 -20.10
C CYS B 146 -25.11 -11.35 -21.21
N LEU B 147 -25.79 -11.97 -22.17
CA LEU B 147 -26.40 -11.20 -23.25
C LEU B 147 -27.58 -10.35 -22.77
N LEU B 148 -28.13 -10.64 -21.59
CA LEU B 148 -29.20 -9.79 -21.06
C LEU B 148 -28.71 -8.45 -20.51
N PHE B 149 -27.45 -8.35 -20.12
CA PHE B 149 -26.97 -7.11 -19.50
C PHE B 149 -27.06 -5.95 -20.50
N PRO B 150 -27.34 -4.75 -20.01
CA PRO B 150 -27.33 -3.57 -20.89
C PRO B 150 -25.91 -3.28 -21.37
N PRO B 151 -25.77 -2.63 -22.52
CA PRO B 151 -24.43 -2.32 -23.03
C PRO B 151 -23.68 -1.40 -22.10
N ASP B 152 -22.38 -1.63 -21.96
CA ASP B 152 -21.50 -0.75 -21.20
C ASP B 152 -20.69 0.04 -22.21
N GLU B 153 -21.16 1.26 -22.52
CA GLU B 153 -20.52 2.03 -23.57
C GLU B 153 -19.12 2.48 -23.20
N SER B 154 -18.76 2.48 -21.93
CA SER B 154 -17.45 2.99 -21.52
C SER B 154 -16.35 1.93 -21.55
N ILE B 155 -16.69 0.67 -21.81
CA ILE B 155 -15.73 -0.43 -21.77
C ILE B 155 -15.01 -0.52 -23.10
N ASP B 156 -13.67 -0.60 -23.06
CA ASP B 156 -12.85 -0.88 -24.24
C ASP B 156 -12.53 -2.37 -24.22
N LEU B 157 -13.22 -3.12 -25.08
CA LEU B 157 -13.05 -4.57 -25.12
C LEU B 157 -11.72 -5.00 -25.69
N TYR B 158 -10.91 -4.08 -26.21
CA TYR B 158 -9.62 -4.46 -26.78
C TYR B 158 -8.71 -5.08 -25.74
N GLN B 159 -8.68 -4.51 -24.53
CA GLN B 159 -7.81 -5.07 -23.49
C GLN B 159 -8.17 -6.52 -23.21
N VAL B 160 -9.46 -6.84 -23.24
CA VAL B 160 -9.89 -8.23 -23.06
C VAL B 160 -9.42 -9.07 -24.24
N ILE B 161 -9.75 -8.65 -25.46
CA ILE B 161 -9.54 -9.52 -26.61
C ILE B 161 -8.06 -9.68 -26.96
N HIS B 162 -7.21 -8.74 -26.55
CA HIS B 162 -5.80 -8.83 -26.89
C HIS B 162 -5.14 -10.05 -26.25
N LYS B 163 -5.50 -10.34 -25.00
CA LYS B 163 -4.87 -11.45 -24.29
C LYS B 163 -5.27 -12.79 -24.87
N MET B 164 -6.47 -12.88 -25.46
CA MET B 164 -6.97 -14.11 -26.03
C MET B 164 -6.26 -14.47 -27.33
N THR C 2 48.07 -10.75 -28.68
CA THR C 2 46.96 -11.01 -27.78
C THR C 2 47.40 -11.07 -26.33
N SER C 3 48.71 -11.24 -26.12
CA SER C 3 49.22 -11.44 -24.76
C SER C 3 49.18 -10.15 -23.94
N LYS C 4 49.76 -9.07 -24.47
CA LYS C 4 49.72 -7.80 -23.75
C LYS C 4 48.29 -7.26 -23.67
N LEU C 5 47.49 -7.47 -24.73
CA LEU C 5 46.09 -7.09 -24.69
C LEU C 5 45.35 -7.84 -23.58
N LYS C 6 45.60 -9.14 -23.46
CA LYS C 6 45.00 -9.91 -22.37
C LYS C 6 45.48 -9.45 -21.01
N TYR C 7 46.75 -9.02 -20.92
CA TYR C 7 47.21 -8.43 -19.67
C TYR C 7 46.43 -7.16 -19.33
N VAL C 8 46.14 -6.35 -20.34
CA VAL C 8 45.39 -5.12 -20.12
C VAL C 8 43.97 -5.44 -19.68
N LEU C 9 43.37 -6.50 -20.23
CA LEU C 9 41.97 -6.82 -19.92
C LEU C 9 41.81 -7.64 -18.65
N GLN C 10 42.89 -7.93 -17.92
CA GLN C 10 42.80 -8.80 -16.74
C GLN C 10 41.94 -8.16 -15.66
N ASP C 11 40.91 -8.90 -15.21
CA ASP C 11 40.06 -8.50 -14.10
C ASP C 11 39.35 -7.17 -14.34
N ALA C 12 39.05 -6.88 -15.60
CA ALA C 12 38.50 -5.58 -15.97
C ALA C 12 36.98 -5.57 -15.90
N ARG C 13 36.43 -4.42 -15.54
CA ARG C 13 35.02 -4.15 -15.72
C ARG C 13 34.82 -3.45 -17.06
N PHE C 14 33.81 -3.88 -17.81
CA PHE C 14 33.55 -3.39 -19.14
C PHE C 14 32.23 -2.62 -19.17
N PHE C 15 32.25 -1.47 -19.85
CA PHE C 15 31.05 -0.66 -19.97
C PHE C 15 30.84 -0.23 -21.41
N LEU C 16 29.60 -0.33 -21.87
CA LEU C 16 29.23 0.22 -23.16
C LEU C 16 29.15 1.74 -23.08
N ILE C 17 29.61 2.41 -24.13
CA ILE C 17 29.52 3.86 -24.26
C ILE C 17 28.84 4.18 -25.57
N LYS C 18 27.76 4.96 -25.51
CA LYS C 18 27.01 5.37 -26.69
C LYS C 18 27.18 6.86 -26.94
N SER C 19 27.29 7.24 -28.21
CA SER C 19 27.41 8.63 -28.62
C SER C 19 26.35 8.94 -29.67
N ASN C 20 25.71 10.10 -29.54
CA ASN C 20 24.70 10.51 -30.51
C ASN C 20 25.29 11.00 -31.83
N ASN C 21 26.61 11.13 -31.92
CA ASN C 21 27.25 11.62 -33.13
C ASN C 21 28.63 10.99 -33.26
N HIS C 22 29.17 11.06 -34.49
CA HIS C 22 30.53 10.59 -34.74
C HIS C 22 31.57 11.58 -34.27
N GLU C 23 31.24 12.88 -34.26
CA GLU C 23 32.23 13.92 -34.01
C GLU C 23 32.83 13.79 -32.62
N ASN C 24 32.01 13.45 -31.62
CA ASN C 24 32.54 13.36 -30.27
C ASN C 24 33.43 12.14 -30.10
N VAL C 25 33.14 11.04 -30.80
CA VAL C 25 34.06 9.91 -30.76
C VAL C 25 35.37 10.25 -31.47
N SER C 26 35.28 11.01 -32.56
N SER C 26 35.28 11.01 -32.56
CA SER C 26 36.50 11.50 -33.21
CA SER C 26 36.50 11.50 -33.21
C SER C 26 37.34 12.35 -32.25
C SER C 26 37.34 12.35 -32.25
N LEU C 27 36.67 13.26 -31.54
CA LEU C 27 37.38 14.11 -30.59
C LEU C 27 37.99 13.27 -29.47
N ALA C 28 37.24 12.30 -28.96
CA ALA C 28 37.76 11.40 -27.92
C ALA C 28 39.00 10.67 -28.40
N LYS C 29 39.00 10.25 -29.67
CA LYS C 29 40.19 9.58 -30.20
C LYS C 29 41.36 10.56 -30.34
N ALA C 30 41.06 11.81 -30.72
CA ALA C 30 42.13 12.76 -30.98
C ALA C 30 42.80 13.24 -29.70
N LYS C 31 42.02 13.45 -28.63
CA LYS C 31 42.55 14.05 -27.41
C LYS C 31 42.45 13.16 -26.18
N GLY C 32 42.05 11.90 -26.35
CA GLY C 32 42.08 10.94 -25.25
C GLY C 32 41.27 11.31 -24.03
N VAL C 33 40.04 11.79 -24.24
CA VAL C 33 39.15 12.18 -23.15
C VAL C 33 37.73 11.75 -23.50
N TRP C 34 36.91 11.62 -22.47
CA TRP C 34 35.49 11.36 -22.67
C TRP C 34 34.68 12.01 -21.57
N SER C 35 33.44 12.37 -21.93
CA SER C 35 32.48 12.93 -21.00
CA SER C 35 32.48 12.93 -21.00
C SER C 35 31.15 12.22 -21.18
N THR C 36 30.41 12.08 -20.09
CA THR C 36 29.12 11.42 -20.11
C THR C 36 28.18 12.15 -19.16
N LEU C 37 26.94 11.67 -19.11
CA LEU C 37 25.88 12.29 -18.31
C LEU C 37 26.07 11.98 -16.83
N PRO C 38 25.47 12.79 -15.95
CA PRO C 38 25.76 12.66 -14.50
C PRO C 38 25.65 11.25 -13.92
N VAL C 39 24.56 10.52 -14.23
CA VAL C 39 24.38 9.18 -13.68
C VAL C 39 25.55 8.28 -14.07
N ASN C 40 25.88 8.24 -15.36
CA ASN C 40 26.99 7.41 -15.81
C ASN C 40 28.32 7.95 -15.32
N GLU C 41 28.45 9.27 -15.14
CA GLU C 41 29.68 9.80 -14.58
C GLU C 41 29.94 9.23 -13.19
N LYS C 42 28.91 9.23 -12.34
CA LYS C 42 29.05 8.63 -11.02
C LYS C 42 29.32 7.13 -11.12
N LYS C 43 28.59 6.44 -11.99
CA LYS C 43 28.82 5.01 -12.17
C LYS C 43 30.27 4.72 -12.55
N LEU C 44 30.82 5.48 -13.50
CA LEU C 44 32.17 5.22 -13.98
C LEU C 44 33.22 5.62 -12.96
N ASN C 45 32.98 6.69 -12.20
CA ASN C 45 33.91 7.04 -11.13
C ASN C 45 33.97 5.92 -10.09
N LEU C 46 32.82 5.41 -9.68
CA LEU C 46 32.79 4.29 -8.74
C LEU C 46 33.51 3.08 -9.30
N ALA C 47 33.25 2.76 -10.58
CA ALA C 47 33.89 1.59 -11.20
C ALA C 47 35.39 1.76 -11.28
N PHE C 48 35.85 2.96 -11.62
CA PHE C 48 37.29 3.25 -11.62
C PHE C 48 37.88 3.03 -10.23
N ARG C 49 37.14 3.41 -9.19
CA ARG C 49 37.61 3.15 -7.83
C ARG C 49 37.65 1.66 -7.51
N SER C 50 36.74 0.87 -8.08
CA SER C 50 36.51 -0.50 -7.61
C SER C 50 37.24 -1.57 -8.41
N ALA C 51 37.86 -1.25 -9.54
CA ALA C 51 38.38 -2.27 -10.44
C ALA C 51 39.84 -2.02 -10.77
N ARG C 52 40.52 -3.10 -11.15
CA ARG C 52 41.89 -2.98 -11.65
C ARG C 52 41.92 -2.19 -12.96
N SER C 53 40.97 -2.46 -13.85
CA SER C 53 40.82 -1.72 -15.09
C SER C 53 39.34 -1.57 -15.42
N VAL C 54 39.00 -0.43 -16.00
CA VAL C 54 37.67 -0.16 -16.53
C VAL C 54 37.81 0.03 -18.02
N ILE C 55 37.09 -0.75 -18.81
CA ILE C 55 37.19 -0.69 -20.26
C ILE C 55 35.89 -0.10 -20.81
N LEU C 56 36.03 0.98 -21.57
CA LEU C 56 34.92 1.61 -22.27
C LEU C 56 34.96 1.17 -23.73
N ILE C 57 33.88 0.53 -24.18
CA ILE C 57 33.73 0.11 -25.57
C ILE C 57 32.70 1.04 -26.22
N PHE C 58 33.14 1.77 -27.25
CA PHE C 58 32.36 2.84 -27.85
C PHE C 58 31.55 2.37 -29.04
N SER C 59 30.30 2.83 -29.13
CA SER C 59 29.47 2.62 -30.32
C SER C 59 28.65 3.87 -30.57
N VAL C 60 28.81 4.46 -31.77
CA VAL C 60 28.00 5.61 -32.16
C VAL C 60 26.58 5.14 -32.45
N ARG C 61 25.60 5.85 -31.87
CA ARG C 61 24.20 5.45 -32.03
C ARG C 61 23.81 5.41 -33.50
N GLU C 62 23.11 4.34 -33.88
CA GLU C 62 22.58 4.07 -35.22
C GLU C 62 23.66 3.76 -36.25
N SER C 63 24.94 3.69 -35.86
CA SER C 63 25.99 3.39 -36.82
C SER C 63 26.14 1.90 -37.08
N GLY C 64 25.50 1.05 -36.29
CA GLY C 64 25.62 -0.38 -36.48
C GLY C 64 27.01 -0.94 -36.24
N LYS C 65 27.87 -0.19 -35.55
CA LYS C 65 29.25 -0.61 -35.35
C LYS C 65 29.73 -0.17 -33.97
N PHE C 66 30.76 -0.87 -33.48
CA PHE C 66 31.66 -0.32 -32.47
C PHE C 66 32.79 0.40 -33.18
N GLN C 67 33.24 1.51 -32.59
CA GLN C 67 34.34 2.27 -33.17
C GLN C 67 35.66 2.09 -32.43
N GLY C 68 35.68 1.34 -31.34
CA GLY C 68 36.90 1.06 -30.62
C GLY C 68 36.64 0.89 -29.14
N PHE C 69 37.75 0.75 -28.39
CA PHE C 69 37.66 0.69 -26.94
C PHE C 69 38.95 1.19 -26.31
N ALA C 70 38.81 1.62 -25.05
CA ALA C 70 39.85 2.33 -24.32
C ALA C 70 39.76 2.01 -22.83
N ARG C 71 40.86 2.23 -22.13
CA ARG C 71 40.90 2.02 -20.69
C ARG C 71 40.74 3.35 -19.98
N LEU C 72 39.82 3.40 -19.02
CA LEU C 72 39.61 4.59 -18.21
C LEU C 72 40.89 4.92 -17.44
N SER C 73 41.41 6.12 -17.64
CA SER C 73 42.70 6.48 -17.07
C SER C 73 42.60 7.35 -15.84
N SER C 74 41.42 7.89 -15.52
CA SER C 74 41.29 8.75 -14.35
C SER C 74 39.82 8.87 -13.98
N GLU C 75 39.60 9.38 -12.77
CA GLU C 75 38.27 9.86 -12.42
C GLU C 75 37.96 11.13 -13.21
N SER C 76 36.68 11.48 -13.27
CA SER C 76 36.28 12.66 -14.01
C SER C 76 36.66 13.93 -13.24
N HIS C 77 36.90 15.01 -13.99
CA HIS C 77 37.27 16.28 -13.40
C HIS C 77 36.48 17.39 -14.08
N HIS C 78 36.13 18.41 -13.31
CA HIS C 78 35.38 19.56 -13.79
C HIS C 78 36.26 20.80 -13.76
N GLY C 79 35.82 21.83 -14.47
CA GLY C 79 36.49 23.12 -14.47
C GLY C 79 37.81 23.16 -15.19
N GLY C 80 38.26 22.06 -15.80
CA GLY C 80 39.52 22.04 -16.51
C GLY C 80 39.46 22.74 -17.86
N SER C 81 40.43 22.47 -18.71
CA SER C 81 40.46 23.08 -20.04
C SER C 81 39.19 22.71 -20.80
N PRO C 82 38.51 23.68 -21.42
CA PRO C 82 37.21 23.40 -22.04
C PRO C 82 37.34 22.49 -23.26
N ILE C 83 36.74 21.31 -23.16
CA ILE C 83 36.51 20.49 -24.34
C ILE C 83 35.31 21.03 -25.08
N HIS C 84 35.39 21.07 -26.40
CA HIS C 84 34.35 21.62 -27.24
C HIS C 84 33.57 20.46 -27.89
N TRP C 85 32.80 19.77 -27.06
CA TRP C 85 31.93 18.70 -27.55
C TRP C 85 30.86 19.28 -28.48
N VAL C 86 30.43 18.47 -29.44
CA VAL C 86 29.27 18.80 -30.26
C VAL C 86 28.03 18.38 -29.46
N LEU C 87 27.32 19.36 -28.92
CA LEU C 87 26.26 19.08 -27.96
C LEU C 87 25.02 18.56 -28.68
N PRO C 88 24.54 17.36 -28.34
CA PRO C 88 23.27 16.88 -28.89
C PRO C 88 22.10 17.62 -28.26
N ALA C 89 20.92 17.43 -28.85
CA ALA C 89 19.72 18.08 -28.35
C ALA C 89 19.45 17.65 -26.90
N GLY C 90 18.99 18.60 -26.10
CA GLY C 90 18.68 18.34 -24.71
C GLY C 90 19.87 18.19 -23.80
N MET C 91 21.08 18.47 -24.27
CA MET C 91 22.30 18.31 -23.49
C MET C 91 23.07 19.62 -23.47
N SER C 92 23.26 20.17 -22.28
CA SER C 92 24.04 21.39 -22.11
C SER C 92 25.50 21.06 -21.85
N ALA C 93 26.36 22.06 -22.05
CA ALA C 93 27.78 21.90 -21.72
C ALA C 93 27.96 21.48 -20.27
N LYS C 94 27.10 21.97 -19.38
CA LYS C 94 27.18 21.59 -17.97
C LYS C 94 27.00 20.09 -17.79
N MET C 95 25.99 19.50 -18.47
CA MET C 95 25.72 18.08 -18.33
C MET C 95 26.87 17.21 -18.80
N LEU C 96 27.76 17.74 -19.64
CA LEU C 96 28.95 17.04 -20.11
C LEU C 96 30.22 17.63 -19.51
N GLY C 97 30.13 18.12 -18.27
CA GLY C 97 31.25 18.85 -17.69
C GLY C 97 32.37 17.99 -17.14
N GLY C 98 32.06 16.79 -16.66
CA GLY C 98 33.10 15.91 -16.15
C GLY C 98 33.93 15.34 -17.29
N VAL C 99 35.25 15.37 -17.13
CA VAL C 99 36.18 14.93 -18.17
C VAL C 99 37.02 13.78 -17.62
N PHE C 100 36.83 12.59 -18.20
CA PHE C 100 37.71 11.45 -17.95
C PHE C 100 38.84 11.44 -18.96
N LYS C 101 40.04 11.09 -18.49
CA LYS C 101 41.12 10.74 -19.39
C LYS C 101 41.01 9.26 -19.73
N ILE C 102 41.19 8.94 -21.01
CA ILE C 102 41.10 7.56 -21.46
C ILE C 102 42.36 7.21 -22.26
N ASP C 103 42.76 5.96 -22.19
CA ASP C 103 43.91 5.45 -22.94
C ASP C 103 43.39 4.44 -23.96
N TRP C 104 43.56 4.76 -25.24
CA TRP C 104 42.94 3.95 -26.28
C TRP C 104 43.69 2.63 -26.49
N ILE C 105 42.92 1.55 -26.53
CA ILE C 105 43.47 0.24 -26.85
CA ILE C 105 43.45 0.22 -26.84
C ILE C 105 43.29 -0.10 -28.33
N CYS C 106 42.10 0.15 -28.86
CA CYS C 106 41.85 -0.12 -30.28
C CYS C 106 40.94 0.98 -30.82
N ARG C 107 41.38 1.62 -31.90
CA ARG C 107 40.57 2.64 -32.58
CA ARG C 107 40.57 2.64 -32.58
C ARG C 107 39.97 2.13 -33.88
N ARG C 108 40.06 0.83 -34.14
CA ARG C 108 39.50 0.23 -35.35
C ARG C 108 38.06 -0.21 -35.11
N GLU C 109 37.27 -0.17 -36.18
CA GLU C 109 35.85 -0.49 -36.11
C GLU C 109 35.62 -2.00 -36.01
N LEU C 110 34.46 -2.36 -35.48
CA LEU C 110 33.96 -3.72 -35.44
C LEU C 110 32.45 -3.69 -35.67
N PRO C 111 31.98 -4.09 -36.84
CA PRO C 111 30.54 -4.03 -37.12
C PRO C 111 29.76 -4.99 -36.21
N PHE C 112 28.50 -4.63 -35.95
CA PHE C 112 27.65 -5.48 -35.12
C PHE C 112 27.44 -6.85 -35.74
N THR C 113 27.50 -6.95 -37.08
CA THR C 113 27.31 -8.25 -37.74
C THR C 113 28.33 -9.27 -37.28
N LYS C 114 29.55 -8.84 -36.95
CA LYS C 114 30.58 -9.74 -36.48
C LYS C 114 30.46 -10.07 -34.99
N SER C 115 29.54 -9.42 -34.27
CA SER C 115 29.41 -9.60 -32.83
C SER C 115 28.04 -10.15 -32.43
N ALA C 116 27.29 -10.72 -33.39
CA ALA C 116 25.93 -11.15 -33.09
C ALA C 116 25.89 -12.33 -32.13
N HIS C 117 26.95 -13.13 -32.08
CA HIS C 117 26.98 -14.31 -31.22
C HIS C 117 27.26 -13.98 -29.76
N LEU C 118 27.56 -12.73 -29.43
CA LEU C 118 27.87 -12.33 -28.06
C LEU C 118 26.65 -11.70 -27.42
N THR C 119 26.20 -12.29 -26.31
CA THR C 119 25.08 -11.78 -25.54
C THR C 119 25.55 -11.40 -24.14
N ASN C 120 24.96 -10.34 -23.61
CA ASN C 120 25.35 -9.83 -22.30
C ASN C 120 24.39 -10.36 -21.25
N PRO C 121 24.83 -11.24 -20.35
CA PRO C 121 23.92 -11.71 -19.29
C PRO C 121 23.41 -10.61 -18.38
N TRP C 122 24.08 -9.47 -18.31
CA TRP C 122 23.64 -8.37 -17.47
C TRP C 122 22.67 -7.45 -18.19
N ASN C 123 22.27 -7.80 -19.41
CA ASN C 123 21.20 -7.11 -20.12
C ASN C 123 20.21 -8.12 -20.67
N GLU C 124 19.75 -9.03 -19.79
CA GLU C 124 18.73 -10.02 -20.09
C GLU C 124 19.15 -10.95 -21.23
N HIS C 125 20.46 -11.20 -21.35
CA HIS C 125 21.04 -12.05 -22.39
C HIS C 125 20.72 -11.54 -23.79
N LYS C 126 20.40 -10.26 -23.92
CA LYS C 126 20.27 -9.65 -25.23
C LYS C 126 21.63 -9.56 -25.91
N PRO C 127 21.68 -9.59 -27.24
CA PRO C 127 22.97 -9.42 -27.93
C PRO C 127 23.65 -8.12 -27.49
N VAL C 128 24.98 -8.19 -27.38
CA VAL C 128 25.72 -7.15 -26.68
C VAL C 128 25.66 -5.81 -27.39
N LYS C 129 25.38 -5.80 -28.69
CA LYS C 129 25.16 -4.53 -29.39
C LYS C 129 23.98 -3.78 -28.82
N ILE C 130 23.03 -4.50 -28.21
CA ILE C 130 21.83 -3.89 -27.65
C ILE C 130 22.14 -3.45 -26.22
N GLY C 131 22.16 -2.13 -26.01
CA GLY C 131 22.45 -1.59 -24.70
C GLY C 131 22.52 -0.07 -24.76
N ARG C 132 22.12 0.57 -23.67
CA ARG C 132 22.18 2.01 -23.58
C ARG C 132 23.55 2.46 -23.05
N ASP C 133 23.76 3.78 -23.09
CA ASP C 133 25.00 4.35 -22.58
C ASP C 133 25.23 3.91 -21.15
N GLY C 134 26.44 3.39 -20.88
CA GLY C 134 26.81 2.97 -19.55
C GLY C 134 26.45 1.54 -19.18
N GLN C 135 25.80 0.79 -20.07
CA GLN C 135 25.44 -0.58 -19.75
C GLN C 135 26.68 -1.42 -19.46
N GLU C 136 26.71 -2.07 -18.30
CA GLU C 136 27.84 -2.90 -17.94
C GLU C 136 27.79 -4.23 -18.68
N ILE C 137 28.96 -4.71 -19.10
CA ILE C 137 29.10 -5.95 -19.85
C ILE C 137 29.81 -6.97 -18.97
N GLU C 138 29.32 -8.20 -18.97
CA GLU C 138 29.88 -9.25 -18.14
C GLU C 138 31.30 -9.59 -18.60
N LEU C 139 32.13 -10.03 -17.63
CA LEU C 139 33.56 -10.17 -17.83
C LEU C 139 33.91 -11.01 -19.05
N GLU C 140 33.32 -12.20 -19.16
CA GLU C 140 33.63 -13.07 -20.30
C GLU C 140 33.18 -12.44 -21.61
N CYS C 141 31.93 -11.94 -21.65
CA CYS C 141 31.41 -11.30 -22.85
C CYS C 141 32.26 -10.09 -23.25
N GLY C 142 32.60 -9.24 -22.27
CA GLY C 142 33.42 -8.08 -22.57
C GLY C 142 34.79 -8.44 -23.10
N THR C 143 35.43 -9.42 -22.47
CA THR C 143 36.75 -9.87 -22.93
C THR C 143 36.68 -10.38 -24.37
N GLN C 144 35.71 -11.27 -24.65
CA GLN C 144 35.61 -11.83 -26.00
C GLN C 144 35.29 -10.75 -27.03
N LEU C 145 34.45 -9.77 -26.66
CA LEU C 145 34.14 -8.68 -27.57
C LEU C 145 35.39 -7.86 -27.88
N CYS C 146 36.17 -7.53 -26.86
CA CYS C 146 37.42 -6.80 -27.11
C CYS C 146 38.37 -7.62 -27.97
N LEU C 147 38.37 -8.94 -27.80
CA LEU C 147 39.22 -9.79 -28.61
C LEU C 147 38.76 -9.86 -30.07
N LEU C 148 37.48 -9.60 -30.33
CA LEU C 148 36.99 -9.64 -31.71
C LEU C 148 37.53 -8.50 -32.58
N PHE C 149 37.95 -7.39 -31.98
CA PHE C 149 38.35 -6.24 -32.76
C PHE C 149 39.58 -6.57 -33.61
N PRO C 150 39.68 -5.99 -34.82
CA PRO C 150 40.90 -6.14 -35.61
C PRO C 150 42.08 -5.55 -34.88
N PRO C 151 43.25 -6.18 -34.95
CA PRO C 151 44.43 -5.64 -34.27
C PRO C 151 44.78 -4.26 -34.79
N ASP C 152 44.99 -3.32 -33.87
CA ASP C 152 45.32 -1.95 -34.23
C ASP C 152 46.85 -1.82 -34.19
N GLU C 153 47.47 -1.96 -35.36
CA GLU C 153 48.92 -1.84 -35.45
C GLU C 153 49.43 -0.44 -35.18
N SER C 154 48.54 0.54 -35.05
CA SER C 154 48.92 1.94 -34.85
C SER C 154 48.86 2.36 -33.38
N ILE C 155 48.75 1.42 -32.45
CA ILE C 155 48.61 1.74 -31.04
C ILE C 155 49.67 0.96 -30.24
N ASP C 156 50.46 1.68 -29.47
CA ASP C 156 51.50 1.10 -28.61
C ASP C 156 50.92 0.95 -27.21
N LEU C 157 50.59 -0.29 -26.83
CA LEU C 157 50.04 -0.55 -25.50
C LEU C 157 51.04 -0.34 -24.38
N TYR C 158 52.31 -0.05 -24.70
CA TYR C 158 53.29 0.26 -23.67
C TYR C 158 52.80 1.42 -22.81
N GLN C 159 52.26 2.47 -23.43
CA GLN C 159 51.77 3.61 -22.67
C GLN C 159 50.53 3.27 -21.87
N VAL C 160 49.69 2.36 -22.38
CA VAL C 160 48.50 1.95 -21.62
C VAL C 160 48.92 1.23 -20.34
N ILE C 161 49.81 0.25 -20.47
CA ILE C 161 50.32 -0.45 -19.28
C ILE C 161 51.09 0.51 -18.39
N HIS C 162 51.76 1.51 -19.00
CA HIS C 162 52.49 2.52 -18.26
C HIS C 162 51.57 3.35 -17.39
N LYS C 163 50.30 3.50 -17.80
CA LYS C 163 49.31 4.27 -17.05
C LYS C 163 48.51 3.41 -16.09
N MET C 164 48.93 2.18 -15.82
CA MET C 164 48.20 1.32 -14.90
C MET C 164 48.78 1.41 -13.49
N SER D 3 10.25 8.03 53.65
CA SER D 3 11.58 8.39 53.17
C SER D 3 12.26 7.23 52.45
N LYS D 4 12.22 6.04 53.07
CA LYS D 4 12.79 4.87 52.42
C LYS D 4 11.83 4.24 51.43
N LEU D 5 10.52 4.41 51.64
CA LEU D 5 9.57 4.13 50.58
C LEU D 5 9.88 4.98 49.36
N LYS D 6 10.21 6.26 49.58
CA LYS D 6 10.61 7.11 48.46
C LYS D 6 11.93 6.65 47.86
N TYR D 7 12.82 6.07 48.67
CA TYR D 7 14.05 5.50 48.14
C TYR D 7 13.76 4.32 47.21
N VAL D 8 12.85 3.43 47.62
CA VAL D 8 12.49 2.28 46.80
C VAL D 8 11.84 2.72 45.49
N LEU D 9 11.08 3.82 45.53
CA LEU D 9 10.42 4.29 44.32
C LEU D 9 11.37 5.04 43.37
N GLN D 10 12.61 5.29 43.79
CA GLN D 10 13.56 6.04 42.97
C GLN D 10 13.90 5.29 41.69
N ASP D 11 13.83 6.01 40.56
CA ASP D 11 14.23 5.47 39.25
C ASP D 11 13.47 4.19 38.92
N ALA D 12 12.16 4.21 39.18
CA ALA D 12 11.31 3.06 38.98
C ALA D 12 10.48 3.22 37.71
N ARG D 13 10.07 2.08 37.17
CA ARG D 13 8.99 2.01 36.20
C ARG D 13 7.78 1.39 36.88
N PHE D 14 6.60 1.84 36.47
CA PHE D 14 5.36 1.45 37.11
C PHE D 14 4.45 0.76 36.10
N PHE D 15 3.81 -0.32 36.52
CA PHE D 15 2.89 -1.05 35.66
C PHE D 15 1.64 -1.42 36.43
N LEU D 16 0.48 -1.12 35.86
CA LEU D 16 -0.77 -1.61 36.41
C LEU D 16 -0.88 -3.11 36.20
N ILE D 17 -1.30 -3.82 37.25
CA ILE D 17 -1.59 -5.25 37.17
C ILE D 17 -3.07 -5.44 37.49
N LYS D 18 -3.78 -6.13 36.60
CA LYS D 18 -5.17 -6.47 36.83
C LYS D 18 -5.30 -7.97 37.02
N SER D 19 -6.16 -8.36 37.96
CA SER D 19 -6.50 -9.76 38.19
C SER D 19 -8.01 -9.94 38.03
N ASN D 20 -8.41 -11.02 37.37
CA ASN D 20 -9.83 -11.31 37.24
C ASN D 20 -10.45 -11.79 38.54
N ASN D 21 -9.67 -12.07 39.59
CA ASN D 21 -10.23 -12.49 40.86
C ASN D 21 -9.39 -11.97 42.01
N HIS D 22 -9.99 -12.02 43.21
CA HIS D 22 -9.31 -11.64 44.44
C HIS D 22 -8.35 -12.72 44.92
N GLU D 23 -8.73 -13.99 44.71
CA GLU D 23 -7.97 -15.12 45.23
C GLU D 23 -6.51 -15.08 44.78
N ASN D 24 -6.27 -14.75 43.50
CA ASN D 24 -4.89 -14.78 43.01
C ASN D 24 -4.07 -13.64 43.60
N VAL D 25 -4.68 -12.48 43.85
CA VAL D 25 -3.97 -11.41 44.54
C VAL D 25 -3.67 -11.81 45.98
N SER D 26 -4.60 -12.51 46.64
N SER D 26 -4.59 -12.52 46.63
CA SER D 26 -4.33 -13.01 47.98
CA SER D 26 -4.31 -12.99 47.98
C SER D 26 -3.18 -14.01 47.98
C SER D 26 -3.18 -14.02 47.99
N LEU D 27 -3.18 -14.93 47.01
CA LEU D 27 -2.08 -15.87 46.88
C LEU D 27 -0.76 -15.15 46.64
N ALA D 28 -0.76 -14.12 45.79
CA ALA D 28 0.46 -13.37 45.51
C ALA D 28 0.96 -12.64 46.75
N LYS D 29 0.05 -12.12 47.57
CA LYS D 29 0.47 -11.50 48.82
C LYS D 29 1.05 -12.55 49.77
N ALA D 30 0.48 -13.75 49.78
CA ALA D 30 0.97 -14.77 50.70
C ALA D 30 2.32 -15.33 50.26
N LYS D 31 2.51 -15.53 48.96
CA LYS D 31 3.65 -16.30 48.45
C LYS D 31 4.71 -15.47 47.77
N GLY D 32 4.48 -14.16 47.58
CA GLY D 32 5.50 -13.31 46.98
C GLY D 32 5.86 -13.70 45.55
N VAL D 33 4.85 -14.05 44.75
CA VAL D 33 5.04 -14.42 43.36
C VAL D 33 3.92 -13.80 42.53
N TRP D 34 4.14 -13.74 41.22
CA TRP D 34 3.09 -13.30 40.33
C TRP D 34 3.30 -13.90 38.94
N SER D 35 2.19 -14.11 38.24
CA SER D 35 2.19 -14.61 36.88
CA SER D 35 2.19 -14.61 36.88
C SER D 35 1.24 -13.77 36.04
N THR D 36 1.61 -13.56 34.78
CA THR D 36 0.80 -12.79 33.85
C THR D 36 0.80 -13.49 32.51
N LEU D 37 0.06 -12.94 31.56
CA LEU D 37 -0.06 -13.55 30.25
C LEU D 37 1.23 -13.33 29.45
N PRO D 38 1.51 -14.18 28.45
CA PRO D 38 2.84 -14.18 27.81
C PRO D 38 3.28 -12.83 27.25
N VAL D 39 2.38 -12.08 26.63
CA VAL D 39 2.74 -10.76 26.12
C VAL D 39 3.21 -9.86 27.25
N ASN D 40 2.42 -9.78 28.33
CA ASN D 40 2.83 -9.02 29.50
C ASN D 40 4.06 -9.62 30.18
N GLU D 41 4.22 -10.94 30.11
CA GLU D 41 5.41 -11.55 30.69
C GLU D 41 6.67 -11.05 30.02
N LYS D 42 6.67 -11.01 28.68
CA LYS D 42 7.82 -10.45 27.96
C LYS D 42 8.01 -8.98 28.30
N LYS D 43 6.91 -8.21 28.31
CA LYS D 43 6.97 -6.80 28.66
C LYS D 43 7.66 -6.59 30.00
N LEU D 44 7.28 -7.38 31.00
CA LEU D 44 7.82 -7.21 32.34
C LEU D 44 9.27 -7.67 32.43
N ASN D 45 9.65 -8.73 31.71
CA ASN D 45 11.06 -9.13 31.71
C ASN D 45 11.94 -8.04 31.14
N LEU D 46 11.53 -7.44 30.01
CA LEU D 46 12.31 -6.35 29.44
C LEU D 46 12.35 -5.15 30.38
N ALA D 47 11.20 -4.81 30.98
CA ALA D 47 11.18 -3.71 31.94
C ALA D 47 12.13 -3.96 33.10
N PHE D 48 12.14 -5.20 33.62
CA PHE D 48 13.04 -5.55 34.71
C PHE D 48 14.49 -5.34 34.31
N ARG D 49 14.84 -5.71 33.08
CA ARG D 49 16.21 -5.47 32.63
C ARG D 49 16.52 -3.99 32.44
N SER D 50 15.50 -3.16 32.20
CA SER D 50 15.76 -1.77 31.81
C SER D 50 15.99 -0.81 32.97
N ALA D 51 15.48 -1.10 34.17
CA ALA D 51 15.34 -0.06 35.19
C ALA D 51 15.79 -0.57 36.55
N ARG D 52 16.08 0.39 37.44
CA ARG D 52 16.53 0.06 38.79
C ARG D 52 15.45 -0.71 39.55
N SER D 53 14.19 -0.29 39.41
CA SER D 53 13.08 -1.00 40.02
C SER D 53 11.89 -0.97 39.08
N VAL D 54 11.11 -2.05 39.09
CA VAL D 54 9.82 -2.13 38.42
C VAL D 54 8.77 -2.35 39.50
N ILE D 55 7.78 -1.47 39.55
CA ILE D 55 6.74 -1.52 40.57
C ILE D 55 5.44 -1.98 39.92
N LEU D 56 4.82 -2.99 40.52
CA LEU D 56 3.51 -3.48 40.10
C LEU D 56 2.45 -2.96 41.07
N ILE D 57 1.43 -2.31 40.53
CA ILE D 57 0.33 -1.77 41.32
C ILE D 57 -0.90 -2.61 41.01
N PHE D 58 -1.38 -3.36 42.00
CA PHE D 58 -2.39 -4.40 41.79
C PHE D 58 -3.80 -3.85 41.92
N SER D 59 -4.68 -4.28 41.02
CA SER D 59 -6.09 -3.90 41.10
C SER D 59 -6.95 -5.05 40.61
N VAL D 60 -7.82 -5.57 41.48
CA VAL D 60 -8.75 -6.62 41.09
C VAL D 60 -9.85 -6.03 40.22
N ARG D 61 -10.05 -6.64 39.05
CA ARG D 61 -11.05 -6.19 38.09
C ARG D 61 -12.42 -6.08 38.75
N GLU D 62 -13.06 -4.91 38.56
CA GLU D 62 -14.38 -4.54 39.06
C GLU D 62 -14.41 -4.25 40.56
N SER D 63 -13.28 -4.35 41.27
CA SER D 63 -13.30 -4.12 42.71
C SER D 63 -13.38 -2.65 43.08
N GLY D 64 -13.12 -1.74 42.15
CA GLY D 64 -13.11 -0.32 42.46
C GLY D 64 -11.97 0.11 43.36
N LYS D 65 -10.92 -0.68 43.47
CA LYS D 65 -9.83 -0.39 44.39
C LYS D 65 -8.52 -0.92 43.82
N PHE D 66 -7.41 -0.37 44.33
CA PHE D 66 -6.14 -1.05 44.25
C PHE D 66 -5.94 -1.82 45.55
N GLN D 67 -5.27 -2.97 45.45
CA GLN D 67 -5.06 -3.82 46.62
C GLN D 67 -3.63 -3.79 47.13
N GLY D 68 -2.78 -2.94 46.57
CA GLY D 68 -1.41 -2.83 47.04
C GLY D 68 -0.41 -2.69 45.91
N PHE D 69 0.88 -2.63 46.24
CA PHE D 69 1.91 -2.58 45.22
C PHE D 69 3.18 -3.24 45.74
N ALA D 70 3.97 -3.73 44.80
CA ALA D 70 5.11 -4.59 45.07
C ALA D 70 6.23 -4.30 44.07
N ARG D 71 7.45 -4.70 44.41
CA ARG D 71 8.60 -4.54 43.53
C ARG D 71 8.93 -5.88 42.87
N LEU D 72 9.11 -5.85 41.55
CA LEU D 72 9.51 -7.04 40.80
C LEU D 72 10.93 -7.45 41.18
N SER D 73 11.08 -8.68 41.68
CA SER D 73 12.35 -9.12 42.23
C SER D 73 13.16 -10.02 41.31
N SER D 74 12.57 -10.51 40.22
CA SER D 74 13.28 -11.39 39.31
C SER D 74 12.60 -11.37 37.94
N GLU D 75 13.29 -11.91 36.95
CA GLU D 75 12.63 -12.25 35.70
C GLU D 75 11.78 -13.50 35.89
N SER D 76 10.93 -13.79 34.91
CA SER D 76 10.04 -14.93 35.02
C SER D 76 10.80 -16.24 34.84
N HIS D 77 10.35 -17.26 35.56
CA HIS D 77 10.94 -18.59 35.49
C HIS D 77 9.86 -19.62 35.20
N HIS D 78 10.21 -20.63 34.42
CA HIS D 78 9.27 -21.68 34.04
C HIS D 78 9.74 -23.01 34.59
N GLY D 79 8.78 -23.90 34.83
CA GLY D 79 9.09 -25.25 35.24
C GLY D 79 9.46 -25.42 36.70
N GLY D 80 9.00 -24.51 37.57
CA GLY D 80 9.23 -24.63 39.00
C GLY D 80 8.09 -25.33 39.71
N SER D 81 8.12 -25.24 41.03
CA SER D 81 7.01 -25.77 41.82
C SER D 81 5.73 -25.01 41.48
N PRO D 82 4.61 -25.70 41.30
CA PRO D 82 3.37 -25.02 40.87
C PRO D 82 2.87 -24.05 41.93
N ILE D 83 2.18 -23.02 41.46
CA ILE D 83 1.62 -21.99 42.35
C ILE D 83 0.16 -22.32 42.64
N HIS D 84 -0.49 -23.02 41.73
CA HIS D 84 -1.91 -23.37 41.84
C HIS D 84 -2.77 -22.11 41.88
N TRP D 85 -2.62 -21.27 40.84
CA TRP D 85 -3.47 -20.11 40.67
C TRP D 85 -4.92 -20.55 40.47
N VAL D 86 -5.85 -19.72 40.93
CA VAL D 86 -7.25 -19.88 40.55
C VAL D 86 -7.39 -19.42 39.11
N LEU D 87 -7.63 -20.35 38.20
CA LEU D 87 -7.57 -20.06 36.77
C LEU D 87 -8.84 -19.37 36.30
N PRO D 88 -8.76 -18.14 35.78
CA PRO D 88 -9.95 -17.51 35.19
C PRO D 88 -10.36 -18.21 33.91
N ALA D 89 -11.62 -18.02 33.55
CA ALA D 89 -12.17 -18.68 32.36
C ALA D 89 -11.44 -18.21 31.11
N GLY D 90 -10.99 -19.17 30.31
CA GLY D 90 -10.22 -18.88 29.11
C GLY D 90 -8.73 -18.86 29.30
N MET D 91 -8.23 -19.16 30.50
CA MET D 91 -6.81 -19.09 30.80
C MET D 91 -6.31 -20.44 31.27
N SER D 92 -5.35 -20.99 30.54
CA SER D 92 -4.72 -22.25 30.93
C SER D 92 -3.65 -21.99 31.98
N ALA D 93 -3.26 -23.07 32.67
CA ALA D 93 -2.07 -23.00 33.51
C ALA D 93 -0.85 -22.61 32.70
N LYS D 94 -0.75 -23.14 31.47
CA LYS D 94 0.35 -22.80 30.57
C LYS D 94 0.47 -21.29 30.39
N MET D 95 -0.65 -20.62 30.12
CA MET D 95 -0.63 -19.17 29.90
C MET D 95 -0.07 -18.42 31.09
N LEU D 96 -0.15 -18.99 32.29
CA LEU D 96 0.37 -18.37 33.51
C LEU D 96 1.62 -19.09 34.02
N GLY D 97 2.32 -19.82 33.14
CA GLY D 97 3.41 -20.67 33.57
C GLY D 97 4.66 -19.92 34.02
N GLY D 98 4.83 -18.67 33.58
CA GLY D 98 5.98 -17.89 34.01
C GLY D 98 5.73 -17.26 35.36
N VAL D 99 6.63 -17.49 36.31
CA VAL D 99 6.46 -17.02 37.68
C VAL D 99 7.55 -16.00 37.99
N PHE D 100 7.12 -14.79 38.37
CA PHE D 100 8.01 -13.73 38.84
C PHE D 100 8.06 -13.77 40.36
N LYS D 101 9.23 -13.49 40.92
CA LYS D 101 9.32 -13.18 42.35
C LYS D 101 9.00 -11.71 42.56
N ILE D 102 8.16 -11.41 43.54
CA ILE D 102 7.84 -10.02 43.87
C ILE D 102 8.02 -9.80 45.36
N ASP D 103 8.41 -8.58 45.71
CA ASP D 103 8.58 -8.16 47.10
C ASP D 103 7.57 -7.07 47.40
N TRP D 104 6.64 -7.35 48.30
CA TRP D 104 5.54 -6.43 48.54
C TRP D 104 6.00 -5.20 49.31
N ILE D 105 5.54 -4.05 48.87
CA ILE D 105 5.81 -2.79 49.55
C ILE D 105 4.61 -2.33 50.37
N CYS D 106 3.41 -2.46 49.83
CA CYS D 106 2.20 -2.11 50.55
C CYS D 106 1.12 -3.12 50.21
N ARG D 107 0.49 -3.70 51.23
CA ARG D 107 -0.61 -4.62 51.05
CA ARG D 107 -0.61 -4.62 51.07
C ARG D 107 -1.95 -4.01 51.46
N ARG D 108 -1.97 -2.71 51.79
CA ARG D 108 -3.21 -2.02 52.12
C ARG D 108 -3.93 -1.58 50.85
N GLU D 109 -5.25 -1.42 50.97
CA GLU D 109 -6.08 -1.05 49.84
C GLU D 109 -6.12 0.46 49.64
N LEU D 110 -6.36 0.87 48.40
CA LEU D 110 -6.59 2.28 48.06
C LEU D 110 -7.79 2.39 47.12
N PRO D 111 -8.91 2.93 47.57
CA PRO D 111 -10.08 3.04 46.70
C PRO D 111 -9.85 4.01 45.55
N PHE D 112 -10.45 3.69 44.39
CA PHE D 112 -10.35 4.54 43.21
C PHE D 112 -10.82 5.96 43.49
N THR D 113 -11.74 6.13 44.45
CA THR D 113 -12.24 7.46 44.78
C THR D 113 -11.13 8.38 45.27
N LYS D 114 -10.06 7.81 45.84
CA LYS D 114 -8.93 8.60 46.28
C LYS D 114 -8.00 9.01 45.15
N SER D 115 -8.07 8.34 44.00
CA SER D 115 -7.15 8.58 42.90
C SER D 115 -7.84 9.26 41.71
N ALA D 116 -9.01 9.86 41.93
CA ALA D 116 -9.82 10.36 40.83
C ALA D 116 -9.09 11.39 39.98
N HIS D 117 -8.19 12.15 40.59
CA HIS D 117 -7.54 13.26 39.88
C HIS D 117 -6.23 12.85 39.22
N LEU D 118 -5.78 11.61 39.38
CA LEU D 118 -4.54 11.16 38.78
C LEU D 118 -4.80 10.62 37.38
N THR D 119 -4.23 11.29 36.38
CA THR D 119 -4.32 10.87 34.99
C THR D 119 -2.99 10.32 34.53
N ASN D 120 -3.05 9.32 33.65
CA ASN D 120 -1.84 8.66 33.16
C ASN D 120 -1.55 9.12 31.73
N PRO D 121 -0.55 9.97 31.51
CA PRO D 121 -0.23 10.41 30.14
C PRO D 121 -0.01 9.26 29.17
N TRP D 122 0.50 8.13 29.64
CA TRP D 122 0.80 6.99 28.78
C TRP D 122 -0.44 6.18 28.40
N ASN D 123 -1.63 6.60 28.86
CA ASN D 123 -2.88 6.00 28.41
C ASN D 123 -3.87 7.11 28.07
N GLU D 124 -3.48 7.95 27.10
CA GLU D 124 -4.34 9.01 26.57
C GLU D 124 -4.80 9.98 27.65
N HIS D 125 -3.99 10.13 28.71
CA HIS D 125 -4.30 11.02 29.83
C HIS D 125 -5.61 10.65 30.52
N LYS D 126 -6.00 9.39 30.42
CA LYS D 126 -7.18 8.91 31.14
C LYS D 126 -6.86 8.75 32.63
N PRO D 127 -7.87 8.83 33.50
CA PRO D 127 -7.65 8.56 34.92
C PRO D 127 -6.95 7.22 35.09
N VAL D 128 -6.01 7.17 36.05
CA VAL D 128 -5.06 6.06 36.13
C VAL D 128 -5.75 4.74 36.45
N LYS D 129 -6.93 4.79 37.10
CA LYS D 129 -7.68 3.57 37.35
C LYS D 129 -8.19 2.92 36.07
N ILE D 130 -8.24 3.67 34.97
CA ILE D 130 -8.68 3.14 33.68
C ILE D 130 -7.46 2.60 32.95
N GLY D 131 -7.38 1.29 32.82
CA GLY D 131 -6.26 0.68 32.13
C GLY D 131 -6.31 -0.83 32.16
N ARG D 132 -5.71 -1.46 31.15
CA ARG D 132 -5.66 -2.91 31.10
C ARG D 132 -4.42 -3.43 31.82
N ASP D 133 -4.45 -4.75 32.08
CA ASP D 133 -3.31 -5.46 32.64
C ASP D 133 -2.04 -5.11 31.89
N GLY D 134 -1.01 -4.69 32.65
CA GLY D 134 0.28 -4.39 32.07
C GLY D 134 0.45 -2.97 31.55
N GLN D 135 -0.57 -2.12 31.68
CA GLN D 135 -0.46 -0.73 31.25
C GLN D 135 0.65 -0.03 32.03
N GLU D 136 1.62 0.54 31.33
CA GLU D 136 2.66 1.30 32.02
C GLU D 136 2.11 2.64 32.47
N ILE D 137 2.51 3.06 33.66
CA ILE D 137 2.08 4.31 34.26
C ILE D 137 3.27 5.26 34.28
N GLU D 138 3.05 6.48 33.79
CA GLU D 138 4.11 7.49 33.74
C GLU D 138 4.67 7.74 35.14
N LEU D 139 5.97 8.08 35.19
CA LEU D 139 6.71 8.04 36.45
C LEU D 139 6.09 8.92 37.53
N GLU D 140 5.73 10.16 37.19
CA GLU D 140 5.15 11.06 38.18
C GLU D 140 3.80 10.53 38.68
N CYS D 141 2.96 10.10 37.74
CA CYS D 141 1.66 9.53 38.10
C CYS D 141 1.84 8.32 39.00
N GLY D 142 2.74 7.41 38.63
CA GLY D 142 2.92 6.21 39.43
C GLY D 142 3.49 6.49 40.82
N THR D 143 4.44 7.41 40.90
CA THR D 143 5.01 7.77 42.20
C THR D 143 3.93 8.38 43.10
N GLN D 144 3.17 9.34 42.58
CA GLN D 144 2.11 9.95 43.38
C GLN D 144 1.07 8.92 43.81
N LEU D 145 0.69 8.03 42.90
CA LEU D 145 -0.27 6.99 43.23
C LEU D 145 0.25 6.10 44.35
N CYS D 146 1.51 5.68 44.27
CA CYS D 146 2.08 4.83 45.33
C CYS D 146 2.11 5.57 46.66
N LEU D 147 2.43 6.86 46.64
CA LEU D 147 2.44 7.62 47.89
C LEU D 147 1.03 7.86 48.43
N LEU D 148 0.00 7.69 47.60
CA LEU D 148 -1.38 7.84 48.09
C LEU D 148 -1.80 6.70 49.02
N PHE D 149 -1.21 5.51 48.88
CA PHE D 149 -1.62 4.38 49.69
C PHE D 149 -1.41 4.66 51.18
N PRO D 150 -2.24 4.09 52.04
CA PRO D 150 -2.00 4.21 53.48
C PRO D 150 -0.70 3.51 53.83
N PRO D 151 0.03 4.01 54.82
CA PRO D 151 1.28 3.35 55.22
C PRO D 151 1.00 1.96 55.76
N ASP D 152 1.84 1.00 55.38
CA ASP D 152 1.72 -0.39 55.82
C ASP D 152 2.85 -0.66 56.82
N GLU D 153 2.54 -0.52 58.10
CA GLU D 153 3.55 -0.73 59.13
C GLU D 153 3.85 -2.19 59.39
N SER D 154 3.13 -3.11 58.75
CA SER D 154 3.40 -4.54 58.88
C SER D 154 4.44 -5.04 57.90
N ILE D 155 5.01 -4.16 57.08
CA ILE D 155 5.98 -4.54 56.06
C ILE D 155 7.32 -3.91 56.42
N ASP D 156 8.37 -4.74 56.44
CA ASP D 156 9.74 -4.28 56.65
C ASP D 156 10.37 -4.05 55.28
N LEU D 157 10.57 -2.79 54.91
CA LEU D 157 11.17 -2.48 53.61
C LEU D 157 12.65 -2.83 53.54
N TYR D 158 13.27 -3.21 54.67
CA TYR D 158 14.66 -3.62 54.66
C TYR D 158 14.89 -4.74 53.66
N GLN D 159 13.99 -5.72 53.62
CA GLN D 159 14.19 -6.85 52.71
C GLN D 159 13.89 -6.47 51.26
N VAL D 160 12.99 -5.52 51.04
CA VAL D 160 12.77 -5.00 49.69
C VAL D 160 14.05 -4.36 49.16
N ILE D 161 14.69 -3.54 49.99
CA ILE D 161 15.97 -2.96 49.61
C ILE D 161 17.04 -4.04 49.50
N HIS D 162 16.92 -5.10 50.29
CA HIS D 162 17.93 -6.16 50.31
C HIS D 162 17.99 -6.90 48.98
N LYS D 163 16.85 -7.08 48.32
CA LYS D 163 16.80 -7.74 47.02
C LYS D 163 17.08 -6.80 45.86
N MET D 164 17.43 -5.54 46.13
CA MET D 164 17.80 -4.61 45.07
C MET D 164 19.23 -4.91 44.59
P 6MA E 6 -7.67 19.61 -16.12
OP1 6MA E 6 -8.14 18.99 -17.41
OP2 6MA E 6 -8.06 21.05 -16.01
O5' 6MA E 6 -8.23 18.78 -14.82
C5' 6MA E 6 -9.57 18.99 -14.47
C4' 6MA E 6 -10.24 17.63 -14.61
O4' 6MA E 6 -9.73 16.80 -13.75
C3' 6MA E 6 -11.76 17.76 -14.24
O3' 6MA E 6 -12.47 18.07 -15.39
C2' 6MA E 6 -12.07 16.41 -13.65
C1' 6MA E 6 -10.89 15.75 -13.44
N9 6MA E 6 -10.67 15.21 -12.11
C8 6MA E 6 -10.65 15.91 -10.99
N7 6MA E 6 -10.40 15.08 -9.97
C5 6MA E 6 -10.24 13.84 -10.44
C6 6MA E 6 -9.97 12.58 -9.85
N1 6MA E 6 -9.89 11.52 -10.63
C2 6MA E 6 -10.05 11.62 -11.95
N3 6MA E 6 -10.31 12.79 -12.53
C4 6MA E 6 -10.41 13.92 -11.81
N6 6MA E 6 -9.80 12.44 -8.42
C1 6MA E 6 -9.39 11.18 -7.82
P 6MA F 6 19.40 11.40 -25.33
OP1 6MA F 6 19.89 11.18 -26.73
OP2 6MA F 6 18.18 10.58 -25.02
O5' 6MA F 6 20.60 11.13 -24.24
C5' 6MA F 6 21.10 9.84 -24.10
C4' 6MA F 6 22.13 9.62 -25.22
O4' 6MA F 6 23.11 10.46 -25.12
C3' 6MA F 6 22.80 8.21 -25.04
O3' 6MA F 6 22.12 7.32 -25.82
C2' 6MA F 6 24.21 8.40 -25.51
C1' 6MA F 6 24.37 9.72 -25.76
N9 6MA F 6 25.58 10.26 -25.20
C8 6MA F 6 26.07 10.00 -24.00
N7 6MA F 6 27.19 10.69 -23.85
C5 6MA F 6 27.41 11.42 -24.96
C6 6MA F 6 28.41 12.33 -25.38
N1 6MA F 6 28.32 12.88 -26.58
C2 6MA F 6 27.31 12.60 -27.39
N3 6MA F 6 26.35 11.75 -27.03
C4 6MA F 6 26.38 11.15 -25.83
N6 6MA F 6 29.52 12.66 -24.52
C1 6MA F 6 30.73 13.27 -25.08
P 6MA G 6 -18.98 -18.34 4.30
OP1 6MA G 6 -20.17 -17.60 4.84
OP2 6MA G 6 -19.31 -19.76 3.90
O5' 6MA G 6 -18.30 -17.53 3.04
C5' 6MA G 6 -18.95 -17.60 1.81
C4' 6MA G 6 -19.39 -16.15 1.50
O4' 6MA G 6 -18.34 -15.41 1.36
C3' 6MA G 6 -20.13 -16.12 0.11
O3' 6MA G 6 -21.47 -16.29 0.33
C2' 6MA G 6 -19.76 -14.75 -0.42
C1' 6MA G 6 -18.76 -14.24 0.37
N9 6MA G 6 -17.59 -13.79 -0.32
C8 6MA G 6 -16.79 -14.52 -1.08
N7 6MA G 6 -15.80 -13.76 -1.53
C5 6MA G 6 -15.94 -12.52 -1.04
C6 6MA G 6 -15.21 -11.32 -1.15
N1 6MA G 6 -15.64 -10.23 -0.52
C2 6MA G 6 -16.73 -10.28 0.22
N3 6MA G 6 -17.45 -11.40 0.35
C4 6MA G 6 -17.07 -12.54 -0.26
N6 6MA G 6 -14.02 -11.24 -1.96
C1 6MA G 6 -13.24 -10.00 -2.04
P 6MA H 6 -9.34 -11.95 29.82
OP1 6MA H 6 -10.23 -11.71 31.01
OP2 6MA H 6 -9.71 -11.05 28.67
O5' 6MA H 6 -7.74 -11.82 30.18
C5' 6MA H 6 -7.25 -10.55 30.42
C4' 6MA H 6 -7.38 -10.40 31.93
O4' 6MA H 6 -6.65 -11.30 32.51
C3' 6MA H 6 -6.78 -9.02 32.40
O3' 6MA H 6 -7.81 -8.11 32.40
C2' 6MA H 6 -6.25 -9.33 33.77
C1' 6MA H 6 -6.36 -10.67 33.94
N9 6MA H 6 -5.22 -11.31 34.54
C8 6MA H 6 -3.95 -11.15 34.19
N7 6MA H 6 -3.19 -11.90 34.98
C5 6MA H 6 -3.98 -12.55 35.86
C6 6MA H 6 -3.78 -13.46 36.93
N1 6MA H 6 -4.82 -13.91 37.60
C2 6MA H 6 -6.05 -13.52 37.31
N3 6MA H 6 -6.28 -12.67 36.31
C4 6MA H 6 -5.28 -12.17 35.58
N6 6MA H 6 -2.46 -13.92 37.29
C1 6MA H 6 -2.27 -14.63 38.55
C1 EDO I . -18.45 4.63 -11.56
O1 EDO I . -19.33 4.37 -12.65
C2 EDO I . -19.11 4.17 -10.26
O2 EDO I . -20.37 4.84 -10.09
S SO4 J . -7.98 10.77 -19.75
O1 SO4 J . -8.98 10.30 -18.79
O2 SO4 J . -6.76 9.99 -19.58
O3 SO4 J . -7.71 12.19 -19.53
O4 SO4 J . -8.49 10.58 -21.11
S SO4 K . -36.61 4.71 -15.13
O1 SO4 K . -35.96 3.45 -14.78
O2 SO4 K . -37.62 4.47 -16.15
O3 SO4 K . -35.61 5.64 -15.64
O4 SO4 K . -37.24 5.28 -13.95
S SO4 L . -12.76 21.75 -22.39
O1 SO4 L . -12.67 21.26 -21.01
O2 SO4 L . -13.91 21.15 -23.06
O3 SO4 L . -12.91 23.20 -22.38
O4 SO4 L . -11.54 21.40 -23.11
C1 EDO M . -33.43 24.96 -9.21
O1 EDO M . -33.99 24.78 -7.90
C2 EDO M . -34.55 25.23 -10.21
O2 EDO M . -34.02 25.28 -11.53
S SO4 N . -32.29 2.32 -9.15
O1 SO4 N . -33.64 2.40 -8.60
O2 SO4 N . -32.02 0.94 -9.56
O3 SO4 N . -32.19 3.21 -10.31
O4 SO4 N . -31.33 2.72 -8.14
S SO4 O . -36.91 8.64 6.71
O1 SO4 O . -37.11 7.37 6.04
O2 SO4 O . -36.82 8.45 8.15
O3 SO4 O . -38.03 9.53 6.40
O4 SO4 O . -35.66 9.25 6.24
C1 EDO P . -28.75 33.51 -5.06
O1 EDO P . -29.16 33.00 -6.34
C2 EDO P . -29.19 32.53 -3.99
O2 EDO P . -28.23 32.54 -2.92
C1 EDO Q . -18.42 28.81 -16.37
O1 EDO Q . -18.62 27.86 -17.43
C2 EDO Q . -19.55 29.83 -16.40
O2 EDO Q . -20.80 29.12 -16.55
C1 EDO R . -22.49 6.16 -16.40
O1 EDO R . -22.34 5.60 -15.09
C2 EDO R . -21.99 5.19 -17.46
O2 EDO R . -22.09 5.79 -18.76
C1 EDO S . -29.75 -1.29 10.69
O1 EDO S . -28.75 -0.68 9.86
C2 EDO S . -30.72 -0.22 11.19
O2 EDO S . -31.45 0.32 10.07
NA NA T . -19.08 1.03 -8.31
NA NA T . -19.08 1.03 -8.31
S SO4 U . -17.39 29.25 -20.32
O1 SO4 U . -16.31 28.91 -19.42
O2 SO4 U . -18.48 28.28 -20.16
O3 SO4 U . -17.89 30.59 -20.02
O4 SO4 U . -16.92 29.21 -21.70
C1 EDO V . -20.85 -1.98 -7.40
O1 EDO V . -21.40 -2.65 -8.54
C2 EDO V . -21.36 -2.60 -6.09
O2 EDO V . -22.70 -2.15 -5.84
S SO4 W . 2.83 -3.02 0.63
O1 SO4 W . 3.08 -4.07 1.61
O2 SO4 W . 3.17 -3.51 -0.70
O3 SO4 W . 1.42 -2.64 0.67
O4 SO4 W . 3.65 -1.86 0.94
S SO4 X . -21.10 -9.45 7.03
O1 SO4 X . -20.83 -10.89 6.96
O2 SO4 X . -22.39 -9.23 7.69
O3 SO4 X . -21.15 -8.91 5.68
O4 SO4 X . -20.05 -8.80 7.79
S SO4 Y . -27.23 -19.84 4.71
O1 SO4 Y . -27.20 -19.61 6.15
O2 SO4 Y . -27.40 -21.27 4.44
O3 SO4 Y . -28.35 -19.10 4.13
O4 SO4 Y . -25.97 -19.39 4.11
S SO4 Z . -28.28 0.92 -17.84
O1 SO4 Z . -29.40 0.43 -18.65
O2 SO4 Z . -28.11 0.07 -16.67
O3 SO4 Z . -28.58 2.29 -17.42
O4 SO4 Z . -27.06 0.91 -18.64
C1 EDO AA . -25.85 -30.49 -19.38
O1 EDO AA . -26.87 -29.96 -18.53
C2 EDO AA . -25.37 -29.40 -20.32
O2 EDO AA . -23.98 -29.63 -20.62
C1 EDO BA . -27.99 -2.86 -4.93
O1 EDO BA . -27.32 -3.04 -6.19
C2 EDO BA . -29.48 -3.15 -5.07
O2 EDO BA . -30.04 -3.48 -3.80
C1 EDO CA . 23.58 -2.39 -14.93
O1 EDO CA . 24.47 -1.91 -15.95
C2 EDO CA . 22.16 -2.01 -15.28
O2 EDO CA . 21.78 -2.67 -16.50
S SO4 DA . 39.12 0.53 -39.39
O1 SO4 DA . 39.18 -0.92 -39.25
O2 SO4 DA . 38.28 1.09 -38.33
O3 SO4 DA . 38.55 0.87 -40.69
O4 SO4 DA . 40.46 1.09 -39.28
S SO4 EA . 2.19 1.16 27.35
O1 SO4 EA . 3.52 0.74 26.88
O2 SO4 EA . 1.78 0.29 28.46
O3 SO4 EA . 1.22 1.04 26.27
O4 SO4 EA . 2.27 2.55 27.79
S SO4 FA . -6.61 -2.39 54.44
O1 SO4 FA . -7.84 -2.64 55.18
O2 SO4 FA . -5.51 -3.10 55.10
O3 SO4 FA . -6.34 -0.96 54.40
O4 SO4 FA . -6.76 -2.90 53.07
C1 EDO GA . -7.31 -9.69 47.49
O1 EDO GA . -8.40 -8.77 47.52
C2 EDO GA . -6.41 -9.45 48.70
O2 EDO GA . -5.84 -8.13 48.61
C1 EDO HA . -29.19 -27.35 -0.66
O1 EDO HA . -27.85 -27.04 -0.30
C2 EDO HA . -29.92 -26.04 -0.92
O2 EDO HA . -31.34 -26.28 -0.92
#